data_3SGZ
#
_entry.id   3SGZ
#
_cell.length_a   108.450
_cell.length_b   108.450
_cell.length_c   491.677
_cell.angle_alpha   90.00
_cell.angle_beta   90.00
_cell.angle_gamma   90.00
#
_symmetry.space_group_name_H-M   'I 4 2 2'
#
loop_
_entity.id
_entity.type
_entity.pdbx_description
1 polymer 'Hydroxyacid oxidase 2'
2 non-polymer 'FLAVIN MONONUCLEOTIDE'
3 non-polymer '5-[(4-methylphenyl)sulfanyl]-1,2,3-thiadiazole-4-carboxylic acid'
4 water water
#
_entity_poly.entity_id   1
_entity_poly.type   'polypeptide(L)'
_entity_poly.pdbx_seq_one_letter_code
;PLVCLADFKAHAQKQLSKTSWDFIEGEADDGITYSENIAAFKRIRLRPRYLRDMSKVDTRTTIQGQEISAPICISPTAFH
SIAWPDGEKSTARAAQEANICYVISSYASYSLEDIVAAAPEGFRWFQLYMKSDWDFNKQMVQRAEALGFKALVITIDTPV
LGNRRRDKRNQLNLEANILKAALRALKEEKPTQSVPVLFPKASFCWNDLSLLQSITRLPIILKGILTKEDAELAMKHNVQ
GIVVSNHGGRQLDEVSASIDALREVVAAVKGKIEVYMDGGVRTGTDVLKALALGARCIFLGRPILWGLACKGEDGVKEVL
DILTAELHRCMTLSGCQSVAEISPDLIQFSRL
;
_entity_poly.pdbx_strand_id   A,B,C
#
loop_
_chem_comp.id
_chem_comp.type
_chem_comp.name
_chem_comp.formula
FMN non-polymer 'FLAVIN MONONUCLEOTIDE' 'C17 H21 N4 O9 P'
HO6 non-polymer '5-[(4-methylphenyl)sulfanyl]-1,2,3-thiadiazole-4-carboxylic acid' 'C10 H8 N2 O2 S2'
#
# COMPACT_ATOMS: atom_id res chain seq x y z
N PRO A 1 37.92 54.21 5.98
CA PRO A 1 36.89 53.57 5.14
C PRO A 1 36.18 52.48 5.93
N LEU A 2 35.09 51.98 5.37
CA LEU A 2 34.29 50.94 6.02
C LEU A 2 34.73 49.62 5.40
N VAL A 3 35.46 48.82 6.17
CA VAL A 3 36.03 47.59 5.65
C VAL A 3 35.42 46.30 6.18
N CYS A 4 34.50 46.41 7.11
CA CYS A 4 33.85 45.24 7.71
C CYS A 4 32.46 45.66 8.16
N LEU A 5 31.64 44.69 8.55
CA LEU A 5 30.29 45.06 9.00
C LEU A 5 30.27 45.92 10.25
N ALA A 6 31.21 45.71 11.14
CA ALA A 6 31.27 46.53 12.35
C ALA A 6 31.48 48.00 12.02
N ASP A 7 32.18 48.29 10.94
CA ASP A 7 32.41 49.70 10.57
C ASP A 7 31.09 50.31 10.11
N PHE A 8 30.28 49.54 9.40
CA PHE A 8 28.99 50.02 8.98
C PHE A 8 28.10 50.25 10.20
N LYS A 9 28.16 49.38 11.21
CA LYS A 9 27.37 49.57 12.40
C LYS A 9 27.74 50.92 13.07
N ALA A 10 29.03 51.14 13.24
CA ALA A 10 29.47 52.37 13.91
C ALA A 10 29.10 53.64 13.12
N HIS A 11 29.32 53.61 11.82
CA HIS A 11 29.01 54.77 11.00
C HIS A 11 27.49 54.98 10.91
N ALA A 12 26.72 53.90 10.86
CA ALA A 12 25.27 54.07 10.79
C ALA A 12 24.71 54.80 11.99
N GLN A 13 25.23 54.52 13.16
CA GLN A 13 24.76 55.16 14.37
C GLN A 13 25.01 56.68 14.29
N LYS A 14 26.15 57.05 13.70
CA LYS A 14 26.45 58.48 13.56
C LYS A 14 25.49 59.14 12.60
N GLN A 15 25.00 58.40 11.60
CA GLN A 15 24.12 58.96 10.63
C GLN A 15 22.63 58.92 10.88
N LEU A 16 22.25 58.45 12.05
CA LEU A 16 20.85 58.33 12.41
C LEU A 16 20.52 59.06 13.70
N SER A 17 19.25 59.40 13.87
CA SER A 17 18.79 59.99 15.10
C SER A 17 18.87 58.92 16.21
N LYS A 18 18.81 59.37 17.45
CA LYS A 18 18.78 58.42 18.57
C LYS A 18 17.52 57.53 18.46
N THR A 19 16.37 58.09 18.11
CA THR A 19 15.17 57.27 18.03
C THR A 19 15.26 56.20 16.95
N SER A 20 15.79 56.54 15.78
CA SER A 20 15.91 55.56 14.71
C SER A 20 16.94 54.51 15.06
N TRP A 21 18.07 54.91 15.64
CA TRP A 21 19.08 53.94 16.04
C TRP A 21 18.52 53.00 17.11
N ASP A 22 17.82 53.56 18.10
CA ASP A 22 17.26 52.69 19.12
C ASP A 22 16.28 51.70 18.51
N PHE A 23 15.54 52.08 17.48
CA PHE A 23 14.64 51.13 16.84
C PHE A 23 15.43 50.04 16.13
N ILE A 24 16.49 50.40 15.41
CA ILE A 24 17.28 49.39 14.71
C ILE A 24 17.99 48.44 15.67
N GLU A 25 18.45 48.94 16.82
CA GLU A 25 19.00 48.04 17.86
C GLU A 25 17.81 47.25 18.43
N GLY A 26 16.94 47.91 19.17
CA GLY A 26 15.71 47.28 19.67
C GLY A 26 15.83 46.05 20.54
N GLU A 27 16.82 46.00 21.44
CA GLU A 27 16.87 44.78 22.22
C GLU A 27 15.72 44.75 23.22
N ALA A 28 15.21 43.56 23.46
CA ALA A 28 14.11 43.41 24.40
C ALA A 28 14.61 43.26 25.83
N ASP A 29 13.88 43.89 26.75
CA ASP A 29 14.14 43.79 28.19
C ASP A 29 15.59 43.98 28.56
N ASP A 30 16.24 43.03 29.23
CA ASP A 30 17.63 43.22 29.66
C ASP A 30 18.68 43.07 28.56
N GLY A 31 18.26 42.74 27.33
CA GLY A 31 19.19 42.63 26.22
C GLY A 31 20.18 41.47 26.26
N ILE A 32 19.76 40.37 26.88
CA ILE A 32 20.66 39.22 27.02
C ILE A 32 20.89 38.50 25.69
N THR A 33 19.82 38.26 24.93
CA THR A 33 19.91 37.51 23.70
C THR A 33 20.57 38.29 22.57
N TYR A 34 20.35 39.61 22.53
CA TYR A 34 21.02 40.43 21.53
C TYR A 34 22.55 40.17 21.64
N SER A 35 23.07 40.20 22.86
CA SER A 35 24.52 40.01 23.04
C SER A 35 24.94 38.58 22.82
N GLU A 36 24.10 37.64 23.28
CA GLU A 36 24.49 36.23 23.14
C GLU A 36 24.48 35.76 21.69
N ASN A 37 23.67 36.39 20.83
CA ASN A 37 23.73 35.95 19.42
C ASN A 37 25.14 36.09 18.88
N ILE A 38 25.87 37.13 19.32
CA ILE A 38 27.25 37.35 18.88
C ILE A 38 28.20 36.44 19.66
N ALA A 39 28.08 36.44 20.99
CA ALA A 39 29.01 35.66 21.82
C ALA A 39 28.97 34.18 21.50
N ALA A 40 27.76 33.66 21.18
CA ALA A 40 27.63 32.25 20.85
C ALA A 40 28.40 31.90 19.56
N PHE A 41 28.46 32.81 18.59
CA PHE A 41 29.28 32.54 17.42
C PHE A 41 30.78 32.56 17.82
N LYS A 42 31.18 33.57 18.61
CA LYS A 42 32.60 33.72 18.93
C LYS A 42 33.22 32.59 19.70
N ARG A 43 32.43 31.88 20.51
CA ARG A 43 33.02 30.81 21.31
C ARG A 43 33.19 29.49 20.57
N ILE A 44 32.60 29.35 19.40
CA ILE A 44 32.76 28.09 18.62
C ILE A 44 34.17 28.10 18.01
N ARG A 45 34.85 26.97 18.08
CA ARG A 45 36.22 26.90 17.56
C ARG A 45 36.30 26.12 16.26
N LEU A 46 37.07 26.66 15.31
CA LEU A 46 37.24 26.06 13.98
C LEU A 46 38.49 25.16 13.88
N ARG A 47 38.42 24.15 13.03
CA ARG A 47 39.49 23.15 12.80
C ARG A 47 39.85 23.19 11.32
N PRO A 48 40.82 24.02 10.94
CA PRO A 48 41.19 24.12 9.52
C PRO A 48 42.04 22.98 9.00
N ARG A 49 41.87 22.69 7.71
CA ARG A 49 42.65 21.65 7.01
C ARG A 49 43.46 22.36 5.96
N TYR A 50 44.77 22.23 6.06
CA TYR A 50 45.67 22.96 5.18
C TYR A 50 46.28 22.11 4.04
N LEU A 51 47.07 22.74 3.19
CA LEU A 51 47.72 22.04 2.05
C LEU A 51 46.76 21.37 1.09
N ARG A 52 45.63 22.04 0.84
CA ARG A 52 44.67 21.59 -0.16
C ARG A 52 44.69 22.62 -1.29
N ASP A 53 44.29 22.20 -2.50
CA ASP A 53 44.29 23.14 -3.62
C ASP A 53 43.07 24.05 -3.49
N MET A 54 43.29 25.27 -3.04
N MET A 54 43.29 25.28 -3.04
CA MET A 54 42.21 26.22 -2.87
CA MET A 54 42.21 26.23 -2.86
C MET A 54 42.28 27.34 -3.92
C MET A 54 42.27 27.33 -3.92
N SER A 55 42.86 27.02 -5.07
CA SER A 55 42.99 27.99 -6.16
C SER A 55 41.63 28.48 -6.63
N LYS A 56 40.62 27.62 -6.51
CA LYS A 56 39.27 27.97 -6.91
C LYS A 56 38.37 27.63 -5.73
N VAL A 57 37.72 28.65 -5.18
CA VAL A 57 36.77 28.44 -4.09
C VAL A 57 35.47 29.02 -4.62
N ASP A 58 34.38 28.29 -4.41
CA ASP A 58 33.06 28.66 -4.95
C ASP A 58 32.10 28.84 -3.77
N THR A 59 31.51 30.01 -3.66
CA THR A 59 30.57 30.27 -2.58
C THR A 59 29.11 30.10 -2.97
N ARG A 60 28.85 29.74 -4.23
CA ARG A 60 27.46 29.59 -4.65
C ARG A 60 26.71 28.45 -3.97
N THR A 61 25.39 28.61 -3.89
CA THR A 61 24.56 27.51 -3.39
C THR A 61 23.16 27.71 -3.92
N THR A 62 22.22 26.90 -3.46
CA THR A 62 20.83 27.08 -3.87
C THR A 62 19.96 27.06 -2.65
N ILE A 63 18.86 27.82 -2.71
CA ILE A 63 17.86 27.72 -1.65
C ILE A 63 16.54 27.55 -2.40
N GLN A 64 15.75 26.59 -1.95
CA GLN A 64 14.47 26.23 -2.61
C GLN A 64 14.70 26.03 -4.13
N GLY A 65 15.85 25.45 -4.44
CA GLY A 65 16.21 25.14 -5.82
C GLY A 65 16.71 26.28 -6.68
N GLN A 66 16.83 27.49 -6.12
CA GLN A 66 17.27 28.66 -6.86
C GLN A 66 18.72 29.02 -6.50
N GLU A 67 19.58 29.13 -7.50
CA GLU A 67 20.98 29.49 -7.26
C GLU A 67 21.15 30.92 -6.81
N ILE A 68 22.04 31.10 -5.81
CA ILE A 68 22.40 32.40 -5.27
C ILE A 68 23.94 32.45 -5.20
N SER A 69 24.48 33.66 -5.24
CA SER A 69 25.94 33.84 -5.28
C SER A 69 26.71 33.42 -4.05
N ALA A 70 26.02 33.43 -2.90
CA ALA A 70 26.64 33.04 -1.62
C ALA A 70 25.44 32.73 -0.72
N PRO A 71 25.66 31.97 0.36
CA PRO A 71 24.56 31.63 1.27
C PRO A 71 24.33 32.75 2.29
N ILE A 72 24.09 33.95 1.76
CA ILE A 72 23.99 35.18 2.53
C ILE A 72 22.83 35.96 1.93
N CYS A 73 21.73 36.01 2.67
CA CYS A 73 20.51 36.64 2.18
C CYS A 73 19.99 37.71 3.12
N ILE A 74 18.90 38.38 2.73
CA ILE A 74 18.37 39.48 3.51
C ILE A 74 17.12 39.10 4.28
N SER A 75 17.19 39.16 5.61
CA SER A 75 16.03 38.84 6.44
C SER A 75 15.04 39.99 6.38
N PRO A 76 13.76 39.71 6.64
CA PRO A 76 12.73 40.76 6.60
C PRO A 76 12.93 41.77 7.71
N THR A 77 13.04 43.05 7.33
CA THR A 77 13.18 44.12 8.32
C THR A 77 12.28 45.25 7.88
N ALA A 78 11.43 45.71 8.79
CA ALA A 78 10.49 46.80 8.48
C ALA A 78 11.10 48.16 8.21
N PHE A 79 10.35 48.95 7.44
CA PHE A 79 10.66 50.37 7.27
C PHE A 79 12.03 50.80 6.83
N HIS A 80 12.45 50.37 5.65
CA HIS A 80 13.78 50.76 5.21
C HIS A 80 13.98 52.25 5.01
N SER A 81 12.91 53.01 4.81
N SER A 81 12.89 53.01 4.81
CA SER A 81 13.08 54.45 4.66
CA SER A 81 13.04 54.46 4.65
C SER A 81 13.53 55.14 5.93
C SER A 81 13.53 55.14 5.93
N ILE A 82 13.57 54.42 7.04
CA ILE A 82 14.07 55.02 8.29
C ILE A 82 15.58 55.20 8.09
N ALA A 83 16.17 54.34 7.27
CA ALA A 83 17.60 54.39 7.04
C ALA A 83 18.02 55.16 5.80
N TRP A 84 17.23 55.10 4.74
CA TRP A 84 17.60 55.74 3.48
C TRP A 84 16.31 56.11 2.75
N PRO A 85 16.24 57.30 2.16
CA PRO A 85 14.98 57.67 1.48
C PRO A 85 14.33 56.71 0.52
N ASP A 86 15.13 56.11 -0.37
CA ASP A 86 14.65 55.17 -1.37
C ASP A 86 14.28 53.81 -0.77
N GLY A 87 14.66 53.64 0.50
CA GLY A 87 14.29 52.42 1.22
C GLY A 87 14.46 51.10 0.52
N GLU A 88 13.38 50.32 0.47
CA GLU A 88 13.41 49.00 -0.11
C GLU A 88 13.75 48.95 -1.58
N LYS A 89 13.56 50.08 -2.30
CA LYS A 89 13.94 50.11 -3.70
C LYS A 89 15.46 49.99 -3.79
N SER A 90 16.15 50.69 -2.91
CA SER A 90 17.62 50.59 -2.88
C SER A 90 18.06 49.17 -2.49
N THR A 91 17.39 48.59 -1.48
CA THR A 91 17.73 47.25 -1.08
C THR A 91 17.52 46.25 -2.20
N ALA A 92 16.39 46.42 -2.93
CA ALA A 92 16.08 45.47 -3.99
C ALA A 92 17.09 45.52 -5.12
N ARG A 93 17.54 46.73 -5.45
CA ARG A 93 18.54 46.87 -6.52
C ARG A 93 19.85 46.21 -6.14
N ALA A 94 20.28 46.42 -4.88
CA ALA A 94 21.52 45.81 -4.40
C ALA A 94 21.39 44.28 -4.36
N ALA A 95 20.24 43.78 -3.85
CA ALA A 95 20.06 42.33 -3.76
C ALA A 95 20.07 41.66 -5.13
N GLN A 96 19.47 42.32 -6.13
CA GLN A 96 19.45 41.75 -7.46
C GLN A 96 20.86 41.71 -8.06
N GLU A 97 21.63 42.78 -7.87
CA GLU A 97 22.98 42.81 -8.41
C GLU A 97 23.86 41.77 -7.74
N ALA A 98 23.65 41.56 -6.43
CA ALA A 98 24.44 40.56 -5.69
C ALA A 98 23.99 39.13 -5.99
N ASN A 99 22.78 38.99 -6.53
CA ASN A 99 22.20 37.69 -6.85
C ASN A 99 21.97 36.82 -5.62
N ILE A 100 21.31 37.41 -4.62
CA ILE A 100 20.92 36.67 -3.43
C ILE A 100 19.42 36.86 -3.22
N CYS A 101 18.87 36.27 -2.17
CA CYS A 101 17.45 36.37 -1.89
C CYS A 101 17.14 37.51 -0.96
N TYR A 102 16.18 38.32 -1.34
CA TYR A 102 15.74 39.45 -0.53
C TYR A 102 14.34 39.12 0.03
N VAL A 103 14.21 39.02 1.35
CA VAL A 103 12.89 38.81 1.97
C VAL A 103 12.34 40.17 2.33
N ILE A 104 11.24 40.54 1.69
N ILE A 104 11.25 40.55 1.68
CA ILE A 104 10.62 41.83 1.93
CA ILE A 104 10.62 41.83 1.93
C ILE A 104 9.69 41.75 3.13
C ILE A 104 9.69 41.75 3.13
N SER A 105 9.79 42.73 4.02
CA SER A 105 8.96 42.76 5.23
C SER A 105 7.52 43.10 4.92
N SER A 106 6.68 42.70 5.87
CA SER A 106 5.26 42.95 5.83
C SER A 106 4.96 44.43 6.09
N TYR A 107 5.97 45.15 6.55
CA TYR A 107 5.84 46.57 6.87
C TYR A 107 6.89 47.38 6.16
N ALA A 108 6.90 47.25 4.85
CA ALA A 108 7.84 48.01 4.04
C ALA A 108 7.36 49.44 3.86
N SER A 109 8.34 50.33 3.67
CA SER A 109 8.06 51.76 3.43
C SER A 109 7.44 51.99 2.05
N TYR A 110 7.76 51.13 1.08
CA TYR A 110 7.23 51.23 -0.29
C TYR A 110 6.32 50.04 -0.63
N SER A 111 5.41 50.21 -1.60
CA SER A 111 4.52 49.11 -1.99
C SER A 111 5.29 47.98 -2.69
N LEU A 112 4.77 46.75 -2.65
CA LEU A 112 5.42 45.63 -3.30
C LEU A 112 5.62 45.94 -4.79
N GLU A 113 4.65 46.62 -5.39
CA GLU A 113 4.73 46.95 -6.81
C GLU A 113 5.94 47.87 -7.10
N ASP A 114 6.12 48.89 -6.28
CA ASP A 114 7.24 49.82 -6.46
C ASP A 114 8.59 49.16 -6.19
N ILE A 115 8.61 48.19 -5.26
CA ILE A 115 9.87 47.51 -4.97
C ILE A 115 10.25 46.59 -6.11
N VAL A 116 9.27 45.85 -6.62
CA VAL A 116 9.56 44.95 -7.73
C VAL A 116 9.99 45.74 -8.97
N ALA A 117 9.34 46.88 -9.21
CA ALA A 117 9.67 47.73 -10.35
C ALA A 117 11.11 48.22 -10.31
N ALA A 118 11.65 48.41 -9.11
CA ALA A 118 13.02 48.87 -8.98
C ALA A 118 14.04 47.81 -9.42
N ALA A 119 13.69 46.54 -9.32
CA ALA A 119 14.58 45.45 -9.71
C ALA A 119 13.73 44.27 -10.13
N PRO A 120 13.13 44.35 -11.32
CA PRO A 120 12.28 43.26 -11.80
C PRO A 120 12.79 41.83 -11.76
N GLU A 121 14.09 41.65 -11.95
CA GLU A 121 14.64 40.30 -12.00
C GLU A 121 15.17 39.76 -10.68
N GLY A 122 15.01 40.52 -9.61
CA GLY A 122 15.50 40.03 -8.33
C GLY A 122 14.74 38.85 -7.75
N PHE A 123 15.47 38.00 -7.02
CA PHE A 123 14.94 36.83 -6.35
C PHE A 123 14.40 37.33 -4.99
N ARG A 124 13.08 37.23 -4.77
CA ARG A 124 12.50 37.73 -3.53
C ARG A 124 11.50 36.80 -2.91
N TRP A 125 11.46 36.84 -1.58
CA TRP A 125 10.42 36.16 -0.78
C TRP A 125 9.64 37.28 -0.10
N PHE A 126 8.44 36.98 0.41
CA PHE A 126 7.62 38.00 1.07
C PHE A 126 7.24 37.52 2.46
N GLN A 127 7.50 38.33 3.48
CA GLN A 127 7.12 37.97 4.84
C GLN A 127 5.82 38.70 5.12
N LEU A 128 4.76 37.95 5.37
CA LEU A 128 3.46 38.59 5.62
C LEU A 128 2.90 38.26 6.98
N TYR A 129 2.56 39.29 7.74
CA TYR A 129 1.90 39.09 9.00
C TYR A 129 0.42 38.97 8.62
N MET A 130 -0.20 37.87 8.99
CA MET A 130 -1.61 37.65 8.67
C MET A 130 -2.57 38.46 9.53
N LYS A 131 -3.73 38.76 8.99
CA LYS A 131 -4.71 39.50 9.74
C LYS A 131 -5.91 38.62 9.99
N SER A 132 -6.88 39.15 10.73
CA SER A 132 -8.08 38.38 11.06
C SER A 132 -8.95 38.19 9.82
N ASP A 133 -8.90 39.15 8.91
CA ASP A 133 -9.69 39.10 7.68
C ASP A 133 -8.95 38.26 6.65
N TRP A 134 -9.45 37.06 6.39
CA TRP A 134 -8.85 36.16 5.43
C TRP A 134 -9.06 36.60 3.99
N ASP A 135 -9.95 37.56 3.80
CA ASP A 135 -10.14 38.08 2.44
C ASP A 135 -8.90 38.89 2.12
N PHE A 136 -8.42 39.64 3.10
CA PHE A 136 -7.20 40.43 2.94
C PHE A 136 -6.01 39.49 2.80
N ASN A 137 -5.91 38.47 3.64
CA ASN A 137 -4.80 37.53 3.57
C ASN A 137 -4.71 36.90 2.17
N LYS A 138 -5.84 36.42 1.65
CA LYS A 138 -5.88 35.81 0.33
C LYS A 138 -5.43 36.81 -0.73
N GLN A 139 -5.95 38.03 -0.67
CA GLN A 139 -5.57 39.02 -1.67
C GLN A 139 -4.06 39.30 -1.63
N MET A 140 -3.50 39.42 -0.42
CA MET A 140 -2.08 39.70 -0.30
C MET A 140 -1.21 38.58 -0.84
N VAL A 141 -1.55 37.33 -0.55
CA VAL A 141 -0.69 36.28 -1.06
C VAL A 141 -0.87 36.16 -2.57
N GLN A 142 -2.06 36.43 -3.09
CA GLN A 142 -2.24 36.37 -4.54
C GLN A 142 -1.51 37.51 -5.23
N ARG A 143 -1.44 38.54 -4.67
CA ARG A 143 -0.73 39.73 -5.10
C ARG A 143 0.79 39.43 -5.12
N ALA A 144 1.26 38.87 -4.05
CA ALA A 144 2.68 38.49 -4.00
C ALA A 144 3.03 37.50 -5.08
N GLU A 145 2.17 36.50 -5.31
CA GLU A 145 2.41 35.54 -6.35
C GLU A 145 2.43 36.25 -7.72
N ALA A 146 1.46 37.13 -7.94
CA ALA A 146 1.40 37.83 -9.23
C ALA A 146 2.67 38.62 -9.51
N LEU A 147 3.26 39.20 -8.46
CA LEU A 147 4.47 40.02 -8.55
C LEU A 147 5.77 39.24 -8.60
N GLY A 148 5.68 37.92 -8.66
CA GLY A 148 6.89 37.14 -8.80
C GLY A 148 7.61 36.72 -7.53
N PHE A 149 7.00 36.93 -6.37
CA PHE A 149 7.66 36.48 -5.13
C PHE A 149 7.65 34.96 -5.18
N LYS A 150 8.72 34.35 -4.68
CA LYS A 150 8.90 32.91 -4.79
C LYS A 150 8.64 32.06 -3.56
N ALA A 151 8.41 32.73 -2.44
CA ALA A 151 8.06 32.02 -1.21
C ALA A 151 7.45 33.01 -0.26
N LEU A 152 6.68 32.50 0.70
CA LEU A 152 6.07 33.29 1.72
C LEU A 152 6.76 32.93 3.04
N VAL A 153 7.22 33.95 3.77
CA VAL A 153 7.83 33.72 5.06
C VAL A 153 6.78 34.13 6.11
N ILE A 154 6.50 33.20 7.03
CA ILE A 154 5.58 33.47 8.12
C ILE A 154 6.43 33.54 9.41
N THR A 155 6.45 34.72 10.02
CA THR A 155 7.25 34.92 11.25
C THR A 155 6.32 34.57 12.39
N ILE A 156 6.77 33.67 13.25
CA ILE A 156 5.89 33.13 14.29
C ILE A 156 6.23 33.53 15.72
N ASP A 157 7.25 34.36 15.87
CA ASP A 157 7.69 34.75 17.21
C ASP A 157 7.25 36.12 17.65
N THR A 158 6.28 36.68 16.93
N THR A 158 6.28 36.67 16.93
CA THR A 158 5.78 38.02 17.20
CA THR A 158 5.76 38.00 17.22
C THR A 158 4.25 38.11 17.35
C THR A 158 4.24 38.10 17.36
N PRO A 159 3.65 37.28 18.24
CA PRO A 159 2.19 37.35 18.44
C PRO A 159 1.87 38.72 19.06
N VAL A 160 2.85 39.27 19.78
CA VAL A 160 2.80 40.65 20.30
C VAL A 160 4.23 41.15 20.12
N LEU A 161 4.41 42.45 20.16
CA LEU A 161 5.73 43.03 19.99
C LEU A 161 6.54 42.91 21.27
N GLY A 162 7.85 42.71 21.11
CA GLY A 162 8.74 42.64 22.27
C GLY A 162 8.80 43.98 23.00
N ASN A 163 9.27 43.93 24.24
CA ASN A 163 9.34 45.11 25.10
C ASN A 163 10.72 45.71 24.99
N ARG A 164 10.85 46.73 24.15
CA ARG A 164 12.13 47.37 23.89
C ARG A 164 12.14 48.67 24.67
N ARG A 165 12.88 48.69 25.77
CA ARG A 165 12.90 49.82 26.69
C ARG A 165 13.25 51.18 26.11
N ARG A 166 14.29 51.24 25.30
CA ARG A 166 14.65 52.54 24.70
C ARG A 166 13.54 53.04 23.81
N ASP A 167 12.97 52.21 22.95
CA ASP A 167 11.86 52.65 22.11
C ASP A 167 10.73 53.20 22.95
N LYS A 168 10.39 52.49 24.03
CA LYS A 168 9.31 52.92 24.91
C LYS A 168 9.58 54.25 25.54
N ARG A 169 10.81 54.49 25.97
CA ARG A 169 11.10 55.80 26.57
C ARG A 169 10.95 56.86 25.49
N ASN A 170 11.54 56.60 24.32
CA ASN A 170 11.45 57.57 23.23
C ASN A 170 9.99 57.90 22.86
N GLN A 171 9.13 56.88 22.81
CA GLN A 171 7.73 57.05 22.45
C GLN A 171 6.91 57.86 23.45
N LEU A 172 7.14 57.63 24.74
CA LEU A 172 6.40 58.37 25.75
C LEU A 172 6.85 59.82 25.79
N ASN A 173 8.04 60.08 25.27
CA ASN A 173 8.57 61.44 25.25
C ASN A 173 8.14 62.24 24.01
N LEU A 174 8.02 61.56 22.87
CA LEU A 174 7.69 62.25 21.63
C LEU A 174 6.36 61.86 20.95
N GLU A 175 5.79 62.83 20.23
CA GLU A 175 4.55 62.64 19.50
C GLU A 175 4.81 61.68 18.34
N ALA A 176 3.83 60.83 18.03
CA ALA A 176 3.98 59.86 16.96
C ALA A 176 4.40 60.51 15.65
N ASN A 177 3.96 61.74 15.44
CA ASN A 177 4.27 62.49 14.22
C ASN A 177 5.75 62.81 14.02
N ILE A 178 6.52 62.91 15.09
CA ILE A 178 7.95 63.20 14.94
C ILE A 178 8.72 61.88 14.99
N LEU A 179 8.22 60.96 15.82
CA LEU A 179 8.83 59.65 16.00
C LEU A 179 8.82 58.86 14.69
N LYS A 180 7.80 59.09 13.86
CA LYS A 180 7.64 58.39 12.59
C LYS A 180 7.79 59.23 11.32
N ALA A 181 8.13 60.51 11.47
CA ALA A 181 8.29 61.37 10.31
C ALA A 181 9.77 61.55 10.02
N ALA A 182 10.46 62.25 10.91
CA ALA A 182 11.89 62.50 10.78
C ALA A 182 12.43 63.23 12.01
N LEU A 198 1.37 50.07 16.35
CA LEU A 198 0.64 48.85 16.76
C LEU A 198 0.05 47.96 15.66
N PHE A 199 0.31 46.72 16.02
CA PHE A 199 0.19 45.36 15.49
C PHE A 199 -0.96 44.34 15.12
N PRO A 200 -1.31 43.33 16.01
CA PRO A 200 -1.02 42.71 17.31
C PRO A 200 -1.35 41.19 17.29
N LYS A 201 -1.08 40.47 16.24
CA LYS A 201 -1.49 39.06 16.08
C LYS A 201 -1.31 37.76 16.95
N ALA A 202 -1.76 37.75 18.21
CA ALA A 202 -1.60 36.56 19.10
C ALA A 202 -2.48 35.32 18.86
N SER A 203 -3.50 35.44 18.03
CA SER A 203 -4.38 34.31 17.78
C SER A 203 -3.89 33.32 16.71
N PHE A 204 -3.03 33.78 15.80
CA PHE A 204 -2.50 32.95 14.71
C PHE A 204 -1.89 31.68 15.29
N CYS A 205 -2.31 30.53 14.77
CA CYS A 205 -1.82 29.25 15.26
C CYS A 205 -1.65 28.23 14.16
N TRP A 206 -1.30 27.00 14.52
CA TRP A 206 -1.10 25.99 13.52
C TRP A 206 -2.32 25.81 12.61
N ASN A 207 -3.52 26.00 13.18
CA ASN A 207 -4.79 25.92 12.41
C ASN A 207 -4.75 26.91 11.23
N ASP A 208 -4.31 28.12 11.52
CA ASP A 208 -4.23 29.16 10.51
C ASP A 208 -3.15 28.84 9.47
N LEU A 209 -2.04 28.24 9.90
CA LEU A 209 -1.00 27.89 8.93
C LEU A 209 -1.54 26.93 7.88
N SER A 210 -2.25 25.90 8.32
CA SER A 210 -2.80 24.93 7.37
C SER A 210 -3.75 25.62 6.41
N LEU A 211 -4.57 26.53 6.90
CA LEU A 211 -5.47 27.21 5.99
C LEU A 211 -4.68 28.04 4.97
N LEU A 212 -3.66 28.76 5.46
CA LEU A 212 -2.85 29.58 4.55
C LEU A 212 -2.24 28.68 3.47
N GLN A 213 -1.68 27.54 3.84
CA GLN A 213 -1.08 26.63 2.89
C GLN A 213 -2.10 26.17 1.83
N SER A 214 -3.36 26.07 2.22
CA SER A 214 -4.38 25.61 1.29
C SER A 214 -4.79 26.67 0.29
N ILE A 215 -4.47 27.94 0.54
CA ILE A 215 -4.87 28.98 -0.39
C ILE A 215 -3.75 29.55 -1.26
N THR A 216 -2.55 29.01 -1.15
CA THR A 216 -1.47 29.53 -2.00
C THR A 216 -0.61 28.42 -2.49
N ARG A 217 -0.12 28.55 -3.72
CA ARG A 217 0.78 27.55 -4.25
C ARG A 217 2.24 27.87 -3.84
N LEU A 218 2.45 29.03 -3.24
CA LEU A 218 3.81 29.41 -2.81
C LEU A 218 4.29 28.61 -1.62
N PRO A 219 5.56 28.22 -1.62
CA PRO A 219 6.10 27.45 -0.48
C PRO A 219 6.12 28.37 0.76
N ILE A 220 5.87 27.79 1.92
CA ILE A 220 5.86 28.53 3.17
C ILE A 220 7.12 28.20 3.94
N ILE A 221 7.76 29.25 4.45
CA ILE A 221 8.99 29.12 5.25
C ILE A 221 8.64 29.70 6.61
N LEU A 222 8.80 28.94 7.70
CA LEU A 222 8.47 29.49 9.03
C LEU A 222 9.72 30.12 9.66
N LYS A 223 9.58 31.34 10.17
CA LYS A 223 10.72 32.05 10.75
C LYS A 223 10.50 32.25 12.24
N GLY A 224 11.51 31.87 13.05
CA GLY A 224 11.41 32.05 14.48
C GLY A 224 11.46 30.78 15.28
N ILE A 225 11.55 29.64 14.62
CA ILE A 225 11.59 28.36 15.35
C ILE A 225 12.89 28.25 16.14
N LEU A 226 12.78 27.87 17.42
CA LEU A 226 13.96 27.72 18.28
C LEU A 226 14.04 26.36 18.93
N THR A 227 13.00 25.54 18.77
CA THR A 227 12.98 24.26 19.49
C THR A 227 12.73 23.09 18.58
N LYS A 228 13.21 21.93 19.02
CA LYS A 228 12.99 20.72 18.26
C LYS A 228 11.50 20.41 18.21
N GLU A 229 10.75 20.74 19.26
CA GLU A 229 9.31 20.44 19.23
C GLU A 229 8.59 21.24 18.15
N ASP A 230 8.92 22.52 18.00
CA ASP A 230 8.25 23.29 16.96
C ASP A 230 8.77 22.86 15.59
N ALA A 231 10.03 22.43 15.50
CA ALA A 231 10.55 21.95 14.21
C ALA A 231 9.81 20.69 13.78
N GLU A 232 9.52 19.81 14.74
CA GLU A 232 8.79 18.58 14.42
C GLU A 232 7.39 18.95 13.96
N LEU A 233 6.72 19.87 14.64
CA LEU A 233 5.39 20.29 14.19
C LEU A 233 5.47 20.93 12.79
N ALA A 234 6.50 21.73 12.53
CA ALA A 234 6.63 22.34 11.21
C ALA A 234 6.70 21.26 10.13
N MET A 235 7.46 20.19 10.38
CA MET A 235 7.59 19.13 9.39
C MET A 235 6.26 18.39 9.24
N LYS A 236 5.54 18.19 10.33
CA LYS A 236 4.25 17.52 10.22
C LYS A 236 3.26 18.36 9.42
N HIS A 237 3.42 19.68 9.40
CA HIS A 237 2.54 20.54 8.63
C HIS A 237 3.03 20.76 7.22
N ASN A 238 4.10 20.06 6.85
CA ASN A 238 4.64 20.10 5.50
C ASN A 238 5.07 21.46 4.99
N VAL A 239 5.69 22.26 5.85
CA VAL A 239 6.22 23.54 5.37
C VAL A 239 7.51 23.21 4.60
N GLN A 240 7.99 24.17 3.82
CA GLN A 240 9.11 23.95 2.95
C GLN A 240 10.47 24.40 3.50
N GLY A 241 10.47 25.12 4.62
CA GLY A 241 11.75 25.56 5.17
C GLY A 241 11.52 26.19 6.50
N ILE A 242 12.61 26.34 7.26
CA ILE A 242 12.54 26.95 8.58
C ILE A 242 13.73 27.90 8.73
N VAL A 243 13.45 29.11 9.22
CA VAL A 243 14.55 30.03 9.58
C VAL A 243 14.63 29.96 11.11
N VAL A 244 15.75 29.44 11.61
CA VAL A 244 16.00 29.40 13.05
C VAL A 244 16.38 30.83 13.40
N SER A 245 15.63 31.42 14.35
CA SER A 245 15.80 32.83 14.64
C SER A 245 15.16 33.14 15.97
N ASN A 246 15.72 34.11 16.69
CA ASN A 246 15.11 34.63 17.91
C ASN A 246 14.74 36.10 17.65
N HIS A 247 14.59 36.47 16.37
CA HIS A 247 14.20 37.84 16.01
C HIS A 247 15.24 38.85 16.51
N GLY A 248 16.50 38.45 16.50
CA GLY A 248 17.55 39.36 16.90
C GLY A 248 17.51 39.79 18.34
N GLY A 249 16.91 38.98 19.21
CA GLY A 249 16.80 39.38 20.61
C GLY A 249 15.86 40.56 20.82
N ARG A 250 14.93 40.79 19.90
CA ARG A 250 13.98 41.89 19.96
C ARG A 250 12.59 41.45 20.48
N GLN A 251 12.40 40.14 20.67
CA GLN A 251 11.09 39.61 21.08
C GLN A 251 11.20 39.02 22.48
N LEU A 252 11.07 37.71 22.64
CA LEU A 252 11.26 37.11 23.97
C LEU A 252 12.76 37.09 24.25
N ASP A 253 13.19 37.74 25.32
CA ASP A 253 14.61 37.74 25.65
C ASP A 253 14.96 36.53 26.53
N GLU A 254 16.25 36.23 26.60
CA GLU A 254 16.78 35.15 27.42
C GLU A 254 16.46 33.80 26.88
N VAL A 255 16.26 33.75 25.57
CA VAL A 255 16.12 32.49 24.85
C VAL A 255 17.53 32.13 24.33
N SER A 256 17.68 30.95 23.75
CA SER A 256 18.99 30.58 23.21
C SER A 256 19.46 31.45 22.05
N ALA A 257 20.77 31.61 21.93
CA ALA A 257 21.32 32.26 20.76
C ALA A 257 20.87 31.44 19.55
N SER A 258 20.65 32.09 18.41
CA SER A 258 20.18 31.35 17.26
C SER A 258 21.17 30.34 16.72
N ILE A 259 22.48 30.61 16.79
CA ILE A 259 23.44 29.63 16.31
C ILE A 259 23.44 28.39 17.20
N ASP A 260 23.03 28.53 18.47
CA ASP A 260 22.95 27.37 19.38
C ASP A 260 21.63 26.62 19.12
N ALA A 261 20.54 27.33 18.92
CA ALA A 261 19.26 26.66 18.66
C ALA A 261 19.33 25.91 17.33
N LEU A 262 20.13 26.40 16.39
CA LEU A 262 20.27 25.73 15.10
C LEU A 262 20.61 24.26 15.26
N ARG A 263 21.47 23.93 16.22
CA ARG A 263 21.87 22.54 16.35
C ARG A 263 20.71 21.59 16.61
N GLU A 264 19.84 21.94 17.54
CA GLU A 264 18.74 21.01 17.79
C GLU A 264 17.70 21.00 16.71
N VAL A 265 17.52 22.10 15.99
CA VAL A 265 16.56 22.12 14.92
C VAL A 265 17.08 21.24 13.79
N VAL A 266 18.36 21.38 13.44
CA VAL A 266 18.95 20.58 12.38
C VAL A 266 18.87 19.09 12.76
N ALA A 267 19.12 18.77 14.03
CA ALA A 267 19.08 17.36 14.46
C ALA A 267 17.68 16.79 14.35
N ALA A 268 16.67 17.61 14.60
CA ALA A 268 15.29 17.16 14.51
C ALA A 268 14.87 16.99 13.06
N VAL A 269 15.31 17.89 12.19
CA VAL A 269 14.91 17.88 10.81
C VAL A 269 15.59 16.78 9.98
N LYS A 270 16.83 16.48 10.30
CA LYS A 270 17.56 15.44 9.60
C LYS A 270 17.51 15.55 8.09
N GLY A 271 17.65 16.77 7.59
CA GLY A 271 17.70 17.00 6.15
C GLY A 271 16.39 16.93 5.36
N LYS A 272 15.27 16.74 6.05
CA LYS A 272 13.99 16.65 5.35
C LYS A 272 13.62 17.92 4.61
N ILE A 273 13.87 19.09 5.22
CA ILE A 273 13.60 20.36 4.58
C ILE A 273 14.79 21.27 4.88
N GLU A 274 14.91 22.34 4.12
CA GLU A 274 16.02 23.28 4.32
C GLU A 274 15.84 24.08 5.60
N VAL A 275 16.95 24.24 6.32
CA VAL A 275 16.98 25.02 7.56
C VAL A 275 17.95 26.17 7.35
N TYR A 276 17.50 27.36 7.68
CA TYR A 276 18.33 28.56 7.54
C TYR A 276 18.43 29.19 8.94
N MET A 277 19.21 30.26 9.06
CA MET A 277 19.21 30.98 10.33
C MET A 277 19.53 32.45 10.17
N ASP A 278 19.12 33.23 11.16
CA ASP A 278 19.60 34.61 11.26
C ASP A 278 19.91 34.88 12.73
N GLY A 279 20.58 36.01 12.98
CA GLY A 279 20.87 36.44 14.33
C GLY A 279 22.32 36.50 14.67
N GLY A 280 22.91 37.69 14.57
CA GLY A 280 24.31 37.83 14.97
C GLY A 280 25.35 37.53 13.94
N VAL A 281 24.96 37.30 12.68
CA VAL A 281 25.95 37.01 11.63
C VAL A 281 26.61 38.34 11.22
N ARG A 282 27.92 38.44 11.46
CA ARG A 282 28.63 39.69 11.18
C ARG A 282 29.93 39.48 10.43
N THR A 283 30.49 38.27 10.45
CA THR A 283 31.76 38.04 9.77
C THR A 283 31.70 36.72 9.03
N GLY A 284 32.63 36.53 8.10
CA GLY A 284 32.62 35.31 7.29
C GLY A 284 32.63 34.02 8.05
N THR A 285 33.38 33.93 9.14
CA THR A 285 33.40 32.67 9.89
C THR A 285 32.04 32.40 10.55
N ASP A 286 31.25 33.44 10.82
CA ASP A 286 29.91 33.15 11.37
C ASP A 286 29.11 32.42 10.30
N VAL A 287 29.22 32.86 9.04
CA VAL A 287 28.50 32.19 7.96
C VAL A 287 29.01 30.75 7.84
N LEU A 288 30.34 30.59 7.86
CA LEU A 288 30.97 29.29 7.75
C LEU A 288 30.46 28.35 8.87
N LYS A 289 30.39 28.85 10.10
CA LYS A 289 29.92 28.04 11.22
C LYS A 289 28.47 27.64 11.07
N ALA A 290 27.61 28.56 10.63
CA ALA A 290 26.22 28.16 10.45
C ALA A 290 26.10 27.07 9.38
N LEU A 291 26.85 27.20 8.29
CA LEU A 291 26.81 26.18 7.24
C LEU A 291 27.38 24.86 7.75
N ALA A 292 28.44 24.90 8.55
CA ALA A 292 29.02 23.67 9.09
C ALA A 292 28.04 22.96 10.01
N LEU A 293 27.22 23.72 10.73
CA LEU A 293 26.26 23.17 11.68
C LEU A 293 24.96 22.78 11.01
N GLY A 294 24.86 22.93 9.70
CA GLY A 294 23.68 22.41 9.00
C GLY A 294 22.76 23.38 8.36
N ALA A 295 22.99 24.69 8.51
CA ALA A 295 22.12 25.64 7.83
C ALA A 295 22.47 25.64 6.33
N ARG A 296 21.45 25.89 5.50
CA ARG A 296 21.65 25.98 4.06
C ARG A 296 22.06 27.41 3.68
N CYS A 297 21.68 28.39 4.49
N CYS A 297 21.67 28.36 4.52
CA CYS A 297 22.10 29.77 4.24
CA CYS A 297 21.93 29.76 4.21
C CYS A 297 21.76 30.57 5.49
C CYS A 297 21.71 30.59 5.48
N ILE A 298 22.33 31.76 5.56
CA ILE A 298 22.03 32.66 6.65
C ILE A 298 21.34 33.91 6.06
N PHE A 299 20.64 34.62 6.93
CA PHE A 299 19.98 35.87 6.56
C PHE A 299 20.50 36.95 7.50
N LEU A 300 20.59 38.15 6.94
CA LEU A 300 21.05 39.33 7.66
C LEU A 300 19.92 40.28 7.95
N GLY A 301 19.85 40.76 9.18
CA GLY A 301 18.84 41.72 9.58
C GLY A 301 19.45 43.12 9.64
N ARG A 302 19.95 43.50 10.81
CA ARG A 302 20.52 44.83 10.99
C ARG A 302 21.63 45.28 10.02
N PRO A 303 22.54 44.38 9.59
CA PRO A 303 23.60 44.86 8.70
C PRO A 303 23.10 45.49 7.42
N ILE A 304 21.94 45.06 6.93
CA ILE A 304 21.39 45.64 5.70
C ILE A 304 20.96 47.07 5.97
N LEU A 305 20.34 47.32 7.12
CA LEU A 305 19.92 48.65 7.50
C LEU A 305 21.16 49.52 7.73
N TRP A 306 22.24 48.97 8.31
CA TRP A 306 23.46 49.77 8.49
C TRP A 306 23.97 50.14 7.10
N GLY A 307 23.99 49.21 6.15
CA GLY A 307 24.45 49.51 4.79
C GLY A 307 23.62 50.65 4.17
N LEU A 308 22.30 50.57 4.27
CA LEU A 308 21.43 51.64 3.75
C LEU A 308 21.72 52.97 4.42
N ALA A 309 21.83 52.99 5.74
CA ALA A 309 22.03 54.24 6.47
C ALA A 309 23.33 54.93 6.07
N CYS A 310 24.34 54.15 5.74
CA CYS A 310 25.64 54.70 5.38
C CYS A 310 25.72 55.16 3.91
N LYS A 311 25.19 54.36 2.99
CA LYS A 311 25.36 54.67 1.58
C LYS A 311 24.25 54.20 0.66
N GLY A 312 23.04 53.97 1.18
CA GLY A 312 21.97 53.54 0.30
C GLY A 312 22.21 52.22 -0.40
N GLU A 313 21.83 52.10 -1.67
CA GLU A 313 22.03 50.89 -2.43
C GLU A 313 23.46 50.39 -2.39
N ASP A 314 24.41 51.32 -2.58
CA ASP A 314 25.81 50.94 -2.59
C ASP A 314 26.24 50.39 -1.23
N GLY A 315 25.64 50.87 -0.15
CA GLY A 315 25.96 50.36 1.19
C GLY A 315 25.47 48.94 1.37
N VAL A 316 24.27 48.64 0.91
CA VAL A 316 23.78 47.27 1.03
C VAL A 316 24.66 46.36 0.18
N LYS A 317 24.97 46.80 -1.04
CA LYS A 317 25.80 45.98 -1.90
C LYS A 317 27.18 45.73 -1.27
N GLU A 318 27.74 46.76 -0.64
CA GLU A 318 29.06 46.61 -0.01
C GLU A 318 28.99 45.62 1.18
N VAL A 319 27.92 45.68 1.99
CA VAL A 319 27.77 44.74 3.09
C VAL A 319 27.71 43.32 2.56
N LEU A 320 26.92 43.09 1.50
CA LEU A 320 26.82 41.75 0.92
C LEU A 320 28.15 41.30 0.32
N ASP A 321 28.82 42.21 -0.38
CA ASP A 321 30.10 41.88 -1.00
C ASP A 321 31.19 41.61 0.05
N ILE A 322 31.22 42.42 1.10
CA ILE A 322 32.21 42.21 2.14
C ILE A 322 32.00 40.86 2.83
N LEU A 323 30.74 40.54 3.18
CA LEU A 323 30.54 39.28 3.88
C LEU A 323 30.82 38.11 2.98
N THR A 324 30.49 38.24 1.70
CA THR A 324 30.80 37.18 0.74
C THR A 324 32.32 37.00 0.61
N ALA A 325 33.08 38.10 0.56
CA ALA A 325 34.54 38.02 0.46
C ALA A 325 35.13 37.39 1.73
N GLU A 326 34.57 37.72 2.88
CA GLU A 326 35.03 37.10 4.13
C GLU A 326 34.74 35.60 4.11
N LEU A 327 33.55 35.21 3.63
CA LEU A 327 33.26 33.76 3.54
C LEU A 327 34.24 33.06 2.58
N HIS A 328 34.50 33.69 1.44
CA HIS A 328 35.43 33.11 0.47
C HIS A 328 36.82 32.94 1.12
N ARG A 329 37.25 33.94 1.87
CA ARG A 329 38.54 33.89 2.55
C ARG A 329 38.61 32.80 3.60
N CYS A 330 37.58 32.68 4.47
CA CYS A 330 37.71 31.64 5.48
C CYS A 330 37.50 30.23 4.92
N MET A 331 36.77 30.10 3.81
CA MET A 331 36.66 28.79 3.15
C MET A 331 38.05 28.44 2.59
N THR A 332 38.72 29.44 2.00
CA THR A 332 40.07 29.21 1.47
C THR A 332 41.01 28.79 2.59
N LEU A 333 40.99 29.54 3.70
CA LEU A 333 41.90 29.22 4.79
C LEU A 333 41.61 27.89 5.47
N SER A 334 40.33 27.57 5.61
CA SER A 334 39.94 26.34 6.31
C SER A 334 39.98 25.07 5.45
N GLY A 335 40.15 25.22 4.14
CA GLY A 335 40.23 24.04 3.28
C GLY A 335 38.93 23.59 2.63
N CYS A 336 37.94 24.47 2.52
CA CYS A 336 36.64 24.11 1.91
C CYS A 336 36.55 24.71 0.51
N GLN A 337 36.57 23.87 -0.52
CA GLN A 337 36.53 24.38 -1.89
C GLN A 337 35.14 24.87 -2.31
N SER A 338 34.09 24.32 -1.73
CA SER A 338 32.73 24.71 -2.09
C SER A 338 31.85 24.58 -0.85
N VAL A 339 30.62 25.10 -0.94
CA VAL A 339 29.75 25.05 0.20
C VAL A 339 29.44 23.62 0.64
N ALA A 340 29.38 22.70 -0.32
CA ALA A 340 29.13 21.29 0.05
C ALA A 340 30.25 20.66 0.89
N GLU A 341 31.44 21.25 0.84
CA GLU A 341 32.55 20.74 1.64
C GLU A 341 32.59 21.27 3.08
N ILE A 342 31.69 22.20 3.42
CA ILE A 342 31.65 22.77 4.79
C ILE A 342 30.83 21.81 5.65
N SER A 343 31.49 21.15 6.61
CA SER A 343 30.82 20.12 7.41
C SER A 343 31.15 20.27 8.89
N PRO A 344 30.52 19.45 9.74
CA PRO A 344 30.77 19.50 11.17
C PRO A 344 32.20 19.19 11.56
N ASP A 345 32.98 18.58 10.65
CA ASP A 345 34.38 18.30 10.94
C ASP A 345 35.15 19.61 11.23
N LEU A 346 34.63 20.72 10.73
CA LEU A 346 35.25 22.03 10.99
C LEU A 346 35.05 22.55 12.40
N ILE A 347 34.09 21.99 13.12
CA ILE A 347 33.72 22.46 14.45
C ILE A 347 34.32 21.63 15.57
N GLN A 348 34.94 22.28 16.55
CA GLN A 348 35.55 21.55 17.66
C GLN A 348 34.51 20.96 18.58
N PHE A 349 34.71 19.70 18.97
CA PHE A 349 33.79 19.03 19.88
C PHE A 349 32.48 19.76 19.88
N SER A 350 31.61 19.23 19.07
CA SER A 350 30.32 19.79 18.81
C SER A 350 30.40 18.90 17.62
N ARG A 351 30.12 19.38 16.41
CA ARG A 351 30.25 18.44 15.32
C ARG A 351 29.20 17.35 15.65
N PRO B 1 -25.65 -20.23 33.32
CA PRO B 1 -24.84 -21.23 32.62
C PRO B 1 -25.73 -22.31 32.04
N LEU B 2 -25.17 -23.02 31.07
CA LEU B 2 -25.91 -24.09 30.42
C LEU B 2 -25.57 -25.38 31.14
N VAL B 3 -26.53 -25.92 31.89
CA VAL B 3 -26.20 -27.11 32.70
C VAL B 3 -26.88 -28.40 32.25
N CYS B 4 -27.74 -28.30 31.24
CA CYS B 4 -28.47 -29.48 30.74
C CYS B 4 -28.78 -29.24 29.27
N LEU B 5 -29.22 -30.28 28.56
CA LEU B 5 -29.51 -30.10 27.15
C LEU B 5 -30.60 -29.08 26.88
N ALA B 6 -31.59 -29.00 27.77
CA ALA B 6 -32.67 -28.04 27.60
C ALA B 6 -32.15 -26.61 27.60
N ASP B 7 -31.08 -26.35 28.36
CA ASP B 7 -30.51 -25.00 28.39
C ASP B 7 -29.86 -24.71 27.03
N PHE B 8 -29.23 -25.71 26.43
CA PHE B 8 -28.63 -25.51 25.12
C PHE B 8 -29.73 -25.26 24.07
N LYS B 9 -30.86 -25.94 24.18
CA LYS B 9 -31.96 -25.75 23.22
C LYS B 9 -32.42 -24.28 23.30
N ALA B 10 -32.67 -23.81 24.53
CA ALA B 10 -33.15 -22.44 24.71
C ALA B 10 -32.12 -21.41 24.24
N HIS B 11 -30.86 -21.61 24.57
CA HIS B 11 -29.84 -20.65 24.16
C HIS B 11 -29.57 -20.69 22.66
N ALA B 12 -29.66 -21.87 22.07
CA ALA B 12 -29.39 -21.99 20.63
C ALA B 12 -30.46 -21.21 19.85
N GLN B 13 -31.72 -21.23 20.29
CA GLN B 13 -32.75 -20.50 19.58
C GLN B 13 -32.43 -18.98 19.60
N LYS B 14 -31.92 -18.49 20.72
CA LYS B 14 -31.59 -17.08 20.78
C LYS B 14 -30.45 -16.72 19.85
N GLN B 15 -29.55 -17.66 19.59
CA GLN B 15 -28.40 -17.40 18.77
C GLN B 15 -28.53 -17.66 17.27
N LEU B 16 -29.73 -18.04 16.85
CA LEU B 16 -29.99 -18.34 15.46
C LEU B 16 -31.10 -17.53 14.86
N SER B 17 -31.10 -17.42 13.54
CA SER B 17 -32.17 -16.75 12.86
C SER B 17 -33.43 -17.60 13.00
N LYS B 18 -34.59 -16.98 12.76
CA LYS B 18 -35.84 -17.73 12.80
C LYS B 18 -35.83 -18.83 11.72
N THR B 19 -35.35 -18.52 10.53
CA THR B 19 -35.36 -19.53 9.47
C THR B 19 -34.45 -20.71 9.79
N SER B 20 -33.29 -20.47 10.38
CA SER B 20 -32.40 -21.57 10.73
C SER B 20 -32.95 -22.38 11.87
N TRP B 21 -33.55 -21.73 12.86
CA TRP B 21 -34.14 -22.47 13.96
C TRP B 21 -35.31 -23.30 13.44
N ASP B 22 -36.13 -22.74 12.55
CA ASP B 22 -37.28 -23.50 12.00
C ASP B 22 -36.76 -24.76 11.35
N PHE B 23 -35.63 -24.66 10.66
CA PHE B 23 -35.06 -25.85 10.01
C PHE B 23 -34.55 -26.86 11.04
N ILE B 24 -33.87 -26.41 12.07
CA ILE B 24 -33.34 -27.36 13.05
C ILE B 24 -34.42 -28.00 13.91
N GLU B 25 -35.36 -27.21 14.35
CA GLU B 25 -36.35 -27.73 15.26
C GLU B 25 -37.57 -28.22 14.57
N GLY B 26 -37.53 -28.13 13.24
CA GLY B 26 -38.62 -28.50 12.38
C GLY B 26 -39.28 -29.83 12.61
N GLU B 27 -40.60 -29.83 12.48
CA GLU B 27 -41.42 -31.03 12.62
C GLU B 27 -42.30 -31.15 11.38
N ALA B 28 -42.67 -32.38 11.04
CA ALA B 28 -43.53 -32.57 9.88
C ALA B 28 -45.00 -32.45 10.25
N ASP B 29 -45.74 -31.84 9.32
CA ASP B 29 -47.19 -31.74 9.43
C ASP B 29 -47.67 -31.24 10.78
N ASP B 30 -48.52 -31.95 11.49
CA ASP B 30 -49.06 -31.46 12.78
C ASP B 30 -48.09 -31.58 13.96
N GLY B 31 -46.90 -32.18 13.75
CA GLY B 31 -45.92 -32.29 14.82
C GLY B 31 -46.22 -33.20 15.99
N ILE B 32 -46.98 -34.25 15.70
CA ILE B 32 -47.36 -35.21 16.74
C ILE B 32 -46.15 -36.04 17.23
N THR B 33 -45.40 -36.57 16.28
CA THR B 33 -44.26 -37.42 16.64
C THR B 33 -43.10 -36.68 17.28
N TYR B 34 -42.87 -35.44 16.86
CA TYR B 34 -41.82 -34.64 17.48
C TYR B 34 -42.10 -34.58 18.99
N SER B 35 -43.34 -34.28 19.37
CA SER B 35 -43.66 -34.21 20.80
C SER B 35 -43.71 -35.57 21.47
N GLU B 36 -44.21 -36.58 20.76
CA GLU B 36 -44.30 -37.90 21.38
C GLU B 36 -42.94 -38.53 21.62
N ASN B 37 -41.92 -38.19 20.81
CA ASN B 37 -40.59 -38.77 21.09
C ASN B 37 -40.14 -38.43 22.52
N ILE B 38 -40.49 -37.24 22.99
CA ILE B 38 -40.17 -36.83 24.35
C ILE B 38 -41.15 -37.42 25.36
N ALA B 39 -42.45 -37.27 25.09
CA ALA B 39 -43.46 -37.76 26.03
C ALA B 39 -43.35 -39.27 26.27
N ALA B 40 -43.02 -40.02 25.23
CA ALA B 40 -42.89 -41.48 25.39
C ALA B 40 -41.76 -41.84 26.33
N PHE B 41 -40.68 -41.08 26.34
CA PHE B 41 -39.62 -41.32 27.30
C PHE B 41 -40.10 -40.98 28.72
N LYS B 42 -40.77 -39.83 28.87
CA LYS B 42 -41.15 -39.41 30.20
C LYS B 42 -42.15 -40.30 30.91
N ARG B 43 -42.98 -41.01 30.17
CA ARG B 43 -43.98 -41.85 30.84
C ARG B 43 -43.48 -43.23 31.31
N ILE B 44 -42.31 -43.63 30.85
CA ILE B 44 -41.73 -44.90 31.29
C ILE B 44 -41.24 -44.74 32.72
N ARG B 45 -41.54 -45.70 33.58
CA ARG B 45 -41.12 -45.62 34.98
C ARG B 45 -39.95 -46.53 35.33
N LEU B 46 -38.99 -45.97 36.04
CA LEU B 46 -37.77 -46.68 36.47
C LEU B 46 -37.97 -47.34 37.83
N ARG B 47 -37.28 -48.47 38.01
CA ARG B 47 -37.32 -49.28 39.25
C ARG B 47 -35.88 -49.41 39.76
N PRO B 48 -35.44 -48.48 40.60
CA PRO B 48 -34.06 -48.54 41.10
C PRO B 48 -33.80 -49.61 42.13
N ARG B 49 -32.55 -50.08 42.16
CA ARG B 49 -32.09 -51.08 43.13
C ARG B 49 -30.99 -50.38 43.93
N TYR B 50 -31.27 -50.17 45.21
CA TYR B 50 -30.36 -49.44 46.06
C TYR B 50 -29.43 -50.32 46.88
N LEU B 51 -28.51 -49.69 47.60
CA LEU B 51 -27.54 -50.40 48.45
C LEU B 51 -26.64 -51.39 47.74
N ARG B 52 -26.21 -51.04 46.53
CA ARG B 52 -25.27 -51.84 45.79
C ARG B 52 -24.01 -50.99 45.80
N ASP B 53 -22.85 -51.62 45.65
CA ASP B 53 -21.60 -50.88 45.65
C ASP B 53 -21.47 -50.17 44.31
N MET B 54 -21.73 -48.88 44.30
N MET B 54 -21.73 -48.88 44.29
CA MET B 54 -21.65 -48.07 43.08
CA MET B 54 -21.64 -48.09 43.06
C MET B 54 -20.44 -47.15 43.12
C MET B 54 -20.45 -47.16 43.11
N SER B 55 -19.39 -47.60 43.79
CA SER B 55 -18.18 -46.80 43.92
C SER B 55 -17.49 -46.58 42.58
N LYS B 56 -17.65 -47.55 41.68
CA LYS B 56 -17.06 -47.48 40.36
C LYS B 56 -18.10 -47.73 39.28
N VAL B 57 -18.62 -46.69 38.66
CA VAL B 57 -19.58 -46.84 37.57
C VAL B 57 -18.86 -46.62 36.23
N ASP B 58 -19.08 -47.52 35.28
CA ASP B 58 -18.43 -47.47 33.98
C ASP B 58 -19.46 -47.26 32.85
N THR B 59 -19.33 -46.18 32.09
CA THR B 59 -20.28 -45.96 31.00
C THR B 59 -19.78 -46.46 29.65
N ARG B 60 -18.59 -47.05 29.60
CA ARG B 60 -18.08 -47.50 28.31
C ARG B 60 -18.84 -48.67 27.70
N THR B 61 -18.82 -48.77 26.37
CA THR B 61 -19.43 -49.91 25.69
C THR B 61 -18.77 -50.00 24.32
N THR B 62 -19.27 -50.89 23.48
CA THR B 62 -18.72 -51.01 22.13
C THR B 62 -19.87 -51.02 21.14
N ILE B 63 -19.63 -50.48 19.94
CA ILE B 63 -20.60 -50.59 18.87
C ILE B 63 -19.80 -51.09 17.67
N GLN B 64 -20.34 -52.11 17.01
CA GLN B 64 -19.67 -52.77 15.88
C GLN B 64 -18.24 -53.13 16.29
N GLY B 65 -18.07 -53.50 17.55
CA GLY B 65 -16.78 -53.91 18.08
C GLY B 65 -15.77 -52.85 18.47
N GLN B 66 -16.17 -51.59 18.37
CA GLN B 66 -15.29 -50.48 18.69
C GLN B 66 -15.71 -49.84 20.02
N GLU B 67 -14.76 -49.69 20.93
CA GLU B 67 -15.06 -49.10 22.23
C GLU B 67 -15.34 -47.60 22.13
N ILE B 68 -16.35 -47.16 22.88
CA ILE B 68 -16.68 -45.73 22.94
C ILE B 68 -16.85 -45.38 24.43
N SER B 69 -16.68 -44.10 24.78
CA SER B 69 -16.73 -43.69 26.19
C SER B 69 -18.07 -43.80 26.89
N ALA B 70 -19.15 -43.72 26.13
CA ALA B 70 -20.50 -43.85 26.65
C ALA B 70 -21.38 -44.24 25.45
N PRO B 71 -22.57 -44.80 25.69
CA PRO B 71 -23.42 -45.19 24.56
C PRO B 71 -24.23 -44.00 24.03
N ILE B 72 -23.49 -42.95 23.70
CA ILE B 72 -24.09 -41.66 23.27
C ILE B 72 -23.29 -41.20 22.07
N CYS B 73 -23.93 -41.21 20.92
CA CYS B 73 -23.27 -40.90 19.67
C CYS B 73 -24.00 -39.82 18.87
N ILE B 74 -23.43 -39.41 17.74
CA ILE B 74 -23.99 -38.33 16.96
C ILE B 74 -24.72 -38.84 15.72
N SER B 75 -26.03 -38.61 15.66
CA SER B 75 -26.82 -39.03 14.49
C SER B 75 -26.53 -38.10 13.34
N PRO B 76 -26.71 -38.56 12.10
CA PRO B 76 -26.46 -37.73 10.93
C PRO B 76 -27.43 -36.55 10.83
N THR B 77 -26.88 -35.34 10.73
CA THR B 77 -27.67 -34.13 10.59
C THR B 77 -27.00 -33.25 9.57
N ALA B 78 -27.78 -32.84 8.59
CA ALA B 78 -27.26 -32.01 7.51
C ALA B 78 -26.85 -30.60 7.90
N PHE B 79 -25.90 -30.09 7.11
CA PHE B 79 -25.54 -28.66 7.16
C PHE B 79 -25.12 -28.06 8.49
N HIS B 80 -24.05 -28.55 9.09
CA HIS B 80 -23.66 -27.99 10.37
C HIS B 80 -23.25 -26.54 10.34
N SER B 81 -22.88 -26.01 9.18
N SER B 81 -22.88 -26.01 9.18
CA SER B 81 -22.48 -24.61 9.11
CA SER B 81 -22.48 -24.61 9.09
C SER B 81 -23.66 -23.67 9.36
C SER B 81 -23.66 -23.68 9.36
N ILE B 82 -24.88 -24.21 9.37
CA ILE B 82 -26.06 -23.39 9.66
C ILE B 82 -25.95 -22.96 11.13
N ALA B 83 -25.35 -23.83 11.95
CA ALA B 83 -25.22 -23.56 13.39
C ALA B 83 -23.94 -22.88 13.83
N TRP B 84 -22.83 -23.14 13.14
CA TRP B 84 -21.54 -22.62 13.52
C TRP B 84 -20.67 -22.60 12.25
N PRO B 85 -19.89 -21.54 12.03
CA PRO B 85 -19.07 -21.46 10.81
C PRO B 85 -18.23 -22.66 10.41
N ASP B 86 -17.49 -23.20 11.37
CA ASP B 86 -16.63 -24.36 11.16
C ASP B 86 -17.40 -25.67 10.97
N GLY B 87 -18.71 -25.61 11.15
CA GLY B 87 -19.57 -26.77 10.95
C GLY B 87 -19.07 -28.13 11.44
N GLU B 88 -19.06 -29.10 10.52
CA GLU B 88 -18.66 -30.45 10.87
C GLU B 88 -17.24 -30.60 11.35
N LYS B 89 -16.37 -29.62 11.06
CA LYS B 89 -15.00 -29.74 11.56
C LYS B 89 -15.03 -29.61 13.07
N SER B 90 -15.85 -28.68 13.58
CA SER B 90 -15.98 -28.52 15.02
C SER B 90 -16.61 -29.78 15.63
N THR B 91 -17.65 -30.30 14.97
CA THR B 91 -18.29 -31.51 15.48
C THR B 91 -17.30 -32.66 15.54
N ALA B 92 -16.50 -32.82 14.48
CA ALA B 92 -15.52 -33.92 14.43
C ALA B 92 -14.49 -33.83 15.55
N ARG B 93 -14.01 -32.63 15.84
CA ARG B 93 -13.03 -32.47 16.91
C ARG B 93 -13.62 -32.84 18.27
N ALA B 94 -14.84 -32.40 18.51
CA ALA B 94 -15.49 -32.70 19.79
C ALA B 94 -15.75 -34.20 19.93
N ALA B 95 -16.20 -34.82 18.85
CA ALA B 95 -16.51 -36.25 18.89
C ALA B 95 -15.26 -37.08 19.14
N GLN B 96 -14.14 -36.67 18.53
CA GLN B 96 -12.88 -37.39 18.73
C GLN B 96 -12.42 -37.25 20.17
N GLU B 97 -12.50 -36.04 20.73
CA GLU B 97 -12.08 -35.86 22.10
C GLU B 97 -12.97 -36.62 23.08
N ALA B 98 -14.27 -36.68 22.78
CA ALA B 98 -15.19 -37.42 23.65
C ALA B 98 -15.06 -38.95 23.47
N ASN B 99 -14.48 -39.37 22.36
CA ASN B 99 -14.30 -40.78 22.02
C ASN B 99 -15.65 -41.51 21.82
N ILE B 100 -16.51 -40.91 21.01
CA ILE B 100 -17.77 -41.54 20.65
C ILE B 100 -17.83 -41.61 19.13
N CYS B 101 -18.93 -42.13 18.58
CA CYS B 101 -19.05 -42.26 17.14
C CYS B 101 -19.79 -41.08 16.53
N TYR B 102 -19.20 -40.51 15.50
CA TYR B 102 -19.81 -39.39 14.77
C TYR B 102 -20.29 -39.88 13.41
N VAL B 103 -21.60 -39.87 13.20
CA VAL B 103 -22.14 -40.25 11.90
C VAL B 103 -22.28 -38.97 11.09
N ILE B 104 -21.54 -38.89 9.99
N ILE B 104 -21.55 -38.89 9.99
CA ILE B 104 -21.58 -37.71 9.14
CA ILE B 104 -21.58 -37.73 9.12
C ILE B 104 -22.70 -37.81 8.11
C ILE B 104 -22.70 -37.82 8.11
N SER B 105 -23.46 -36.73 7.98
CA SER B 105 -24.56 -36.67 7.05
C SER B 105 -24.11 -36.66 5.59
N SER B 106 -25.03 -37.08 4.73
CA SER B 106 -24.88 -37.13 3.30
C SER B 106 -24.87 -35.70 2.73
N TYR B 107 -25.30 -34.75 3.54
CA TYR B 107 -25.36 -33.35 3.11
C TYR B 107 -24.62 -32.42 4.09
N ALA B 108 -23.34 -32.70 4.27
CA ALA B 108 -22.49 -31.92 5.15
C ALA B 108 -22.10 -30.61 4.47
N SER B 109 -21.81 -29.60 5.28
CA SER B 109 -21.38 -28.29 4.78
C SER B 109 -19.94 -28.36 4.27
N TYR B 110 -19.14 -29.25 4.84
CA TYR B 110 -17.75 -29.40 4.41
C TYR B 110 -17.53 -30.75 3.76
N SER B 111 -16.49 -30.87 2.94
CA SER B 111 -16.18 -32.13 2.27
C SER B 111 -15.73 -33.16 3.30
N LEU B 112 -15.88 -34.43 2.99
CA LEU B 112 -15.47 -35.50 3.90
C LEU B 112 -13.99 -35.39 4.19
N GLU B 113 -13.23 -35.08 3.14
CA GLU B 113 -11.79 -34.89 3.26
C GLU B 113 -11.44 -33.83 4.32
N ASP B 114 -12.11 -32.68 4.25
CA ASP B 114 -11.85 -31.62 5.21
C ASP B 114 -12.31 -31.97 6.64
N ILE B 115 -13.42 -32.68 6.77
CA ILE B 115 -13.89 -33.05 8.09
C ILE B 115 -12.92 -34.05 8.73
N VAL B 116 -12.50 -35.05 7.95
CA VAL B 116 -11.57 -36.04 8.47
C VAL B 116 -10.24 -35.40 8.86
N ALA B 117 -9.78 -34.43 8.07
CA ALA B 117 -8.51 -33.76 8.36
C ALA B 117 -8.57 -32.98 9.68
N ALA B 118 -9.77 -32.58 10.08
CA ALA B 118 -9.96 -31.84 11.32
C ALA B 118 -9.73 -32.69 12.57
N ALA B 119 -9.98 -34.00 12.45
CA ALA B 119 -9.82 -34.95 13.56
C ALA B 119 -9.54 -36.32 12.95
N PRO B 120 -8.30 -36.51 12.48
CA PRO B 120 -7.90 -37.78 11.84
C PRO B 120 -8.20 -39.06 12.57
N GLU B 121 -8.08 -39.03 13.90
CA GLU B 121 -8.28 -40.22 14.71
C GLU B 121 -9.69 -40.51 15.20
N GLY B 122 -10.64 -39.68 14.83
CA GLY B 122 -12.01 -39.90 15.27
C GLY B 122 -12.71 -41.10 14.65
N PHE B 123 -13.61 -41.69 15.43
CA PHE B 123 -14.41 -42.83 15.03
C PHE B 123 -15.64 -42.25 14.30
N ARG B 124 -15.76 -42.55 13.03
CA ARG B 124 -16.85 -42.03 12.22
C ARG B 124 -17.53 -43.06 11.32
N TRP B 125 -18.83 -42.84 11.11
CA TRP B 125 -19.66 -43.60 10.17
C TRP B 125 -20.15 -42.57 9.14
N PHE B 126 -20.55 -43.03 7.96
CA PHE B 126 -21.03 -42.14 6.93
C PHE B 126 -22.44 -42.50 6.52
N GLN B 127 -23.36 -41.52 6.55
CA GLN B 127 -24.74 -41.73 6.11
C GLN B 127 -24.85 -41.27 4.67
N LEU B 128 -25.24 -42.18 3.79
CA LEU B 128 -25.32 -41.88 2.37
C LEU B 128 -26.69 -42.08 1.81
N TYR B 129 -27.24 -41.03 1.19
CA TYR B 129 -28.51 -41.14 0.53
C TYR B 129 -28.23 -41.69 -0.86
N MET B 130 -28.70 -42.91 -1.10
CA MET B 130 -28.50 -43.58 -2.38
C MET B 130 -29.28 -42.93 -3.49
N LYS B 131 -28.65 -42.81 -4.66
CA LYS B 131 -29.31 -42.24 -5.83
C LYS B 131 -29.57 -43.35 -6.84
N SER B 132 -30.34 -43.03 -7.88
CA SER B 132 -30.64 -44.00 -8.92
C SER B 132 -29.35 -44.23 -9.73
N ASP B 133 -28.49 -43.22 -9.73
CA ASP B 133 -27.21 -43.27 -10.43
C ASP B 133 -26.25 -44.04 -9.55
N TRP B 134 -26.00 -45.30 -9.89
CA TRP B 134 -25.10 -46.12 -9.10
C TRP B 134 -23.64 -45.75 -9.18
N ASP B 135 -23.29 -44.93 -10.16
CA ASP B 135 -21.89 -44.50 -10.25
C ASP B 135 -21.68 -43.55 -9.09
N PHE B 136 -22.68 -42.70 -8.85
CA PHE B 136 -22.60 -41.77 -7.74
C PHE B 136 -22.52 -42.55 -6.44
N ASN B 137 -23.33 -43.60 -6.30
CA ASN B 137 -23.31 -44.39 -5.06
C ASN B 137 -21.96 -45.01 -4.82
N LYS B 138 -21.37 -45.67 -5.82
CA LYS B 138 -20.08 -46.28 -5.54
C LYS B 138 -18.96 -45.26 -5.37
N GLN B 139 -19.07 -44.10 -6.01
CA GLN B 139 -18.03 -43.12 -5.82
C GLN B 139 -18.05 -42.62 -4.36
N MET B 140 -19.24 -42.44 -3.78
CA MET B 140 -19.31 -41.98 -2.37
C MET B 140 -18.92 -43.09 -1.40
N VAL B 141 -19.29 -44.32 -1.70
CA VAL B 141 -18.87 -45.43 -0.83
C VAL B 141 -17.34 -45.56 -0.80
N GLN B 142 -16.70 -45.48 -1.97
CA GLN B 142 -15.26 -45.55 -2.05
C GLN B 142 -14.61 -44.39 -1.29
N ARG B 143 -15.13 -43.48 -1.32
CA ARG B 143 -14.59 -42.25 -0.74
C ARG B 143 -14.65 -42.36 0.79
N ALA B 144 -15.76 -42.83 1.29
CA ALA B 144 -15.85 -43.11 2.72
C ALA B 144 -14.87 -44.19 3.16
N GLU B 145 -14.74 -45.26 2.37
CA GLU B 145 -13.79 -46.31 2.73
C GLU B 145 -12.36 -45.77 2.75
N ALA B 146 -12.00 -44.98 1.74
CA ALA B 146 -10.66 -44.41 1.65
C ALA B 146 -10.32 -43.49 2.82
N LEU B 147 -11.33 -42.78 3.32
CA LEU B 147 -11.17 -41.83 4.42
C LEU B 147 -11.31 -42.43 5.81
N GLY B 148 -11.36 -43.76 5.90
CA GLY B 148 -11.39 -44.40 7.19
C GLY B 148 -12.71 -44.50 7.92
N PHE B 149 -13.81 -44.26 7.22
CA PHE B 149 -15.12 -44.40 7.89
C PHE B 149 -15.29 -45.89 8.16
N LYS B 150 -15.95 -46.21 9.27
CA LYS B 150 -16.09 -47.60 9.69
C LYS B 150 -17.43 -48.30 9.51
N ALA B 151 -18.43 -47.60 8.98
CA ALA B 151 -19.73 -48.18 8.68
C ALA B 151 -20.46 -47.22 7.77
N LEU B 152 -21.43 -47.77 7.05
CA LEU B 152 -22.26 -46.98 6.14
C LEU B 152 -23.66 -47.01 6.73
N VAL B 153 -24.23 -45.85 7.00
CA VAL B 153 -25.59 -45.76 7.51
C VAL B 153 -26.50 -45.43 6.32
N ILE B 154 -27.51 -46.26 6.10
CA ILE B 154 -28.47 -46.04 5.03
C ILE B 154 -29.78 -45.68 5.70
N THR B 155 -30.19 -44.42 5.50
CA THR B 155 -31.45 -43.91 6.04
C THR B 155 -32.51 -44.31 5.04
N ILE B 156 -33.51 -45.02 5.53
CA ILE B 156 -34.57 -45.56 4.67
C ILE B 156 -35.92 -44.89 4.78
N ASP B 157 -36.02 -43.86 5.62
CA ASP B 157 -37.32 -43.22 5.81
C ASP B 157 -37.51 -41.89 5.10
N THR B 158 -36.63 -41.61 4.14
CA THR B 158 -36.66 -40.38 3.39
C THR B 158 -36.63 -40.55 1.87
N PRO B 159 -37.56 -41.35 1.31
CA PRO B 159 -37.55 -41.49 -0.16
C PRO B 159 -37.91 -40.11 -0.75
N VAL B 160 -38.70 -39.35 0.03
CA VAL B 160 -39.02 -37.96 -0.32
C VAL B 160 -38.90 -37.24 1.02
N LEU B 161 -38.75 -35.93 0.97
CA LEU B 161 -38.62 -35.15 2.19
C LEU B 161 -39.96 -34.97 2.89
N GLY B 162 -39.91 -34.95 4.22
CA GLY B 162 -41.12 -34.71 5.00
C GLY B 162 -41.65 -33.30 4.77
N ASN B 163 -42.91 -33.10 5.11
CA ASN B 163 -43.58 -31.82 4.93
C ASN B 163 -43.43 -30.93 6.16
N ARG B 164 -42.34 -30.20 6.23
CA ARG B 164 -42.09 -29.29 7.36
C ARG B 164 -42.69 -27.96 6.97
N ARG B 165 -43.82 -27.64 7.56
CA ARG B 165 -44.57 -26.44 7.21
C ARG B 165 -43.80 -25.14 7.36
N ARG B 166 -43.06 -24.99 8.45
CA ARG B 166 -42.30 -23.75 8.64
C ARG B 166 -41.29 -23.55 7.52
N ASP B 167 -40.53 -24.59 7.17
CA ASP B 167 -39.54 -24.48 6.10
C ASP B 167 -40.21 -24.17 4.78
N LYS B 168 -41.35 -24.79 4.54
CA LYS B 168 -42.07 -24.58 3.29
C LYS B 168 -42.48 -23.12 3.17
N ARG B 169 -43.00 -22.53 4.25
CA ARG B 169 -43.40 -21.12 4.18
C ARG B 169 -42.14 -20.28 3.93
N ASN B 170 -41.05 -20.58 4.63
CA ASN B 170 -39.81 -19.81 4.44
C ASN B 170 -39.27 -19.91 3.01
N GLN B 171 -39.35 -21.09 2.42
CA GLN B 171 -38.89 -21.31 1.04
C GLN B 171 -39.69 -20.48 0.02
N LEU B 172 -40.99 -20.32 0.27
CA LEU B 172 -41.83 -19.55 -0.64
C LEU B 172 -41.65 -18.04 -0.45
N ASN B 173 -41.42 -17.63 0.80
CA ASN B 173 -41.25 -16.22 1.13
C ASN B 173 -39.88 -15.64 0.79
N LEU B 174 -38.83 -16.43 0.97
CA LEU B 174 -37.47 -15.95 0.75
C LEU B 174 -36.75 -16.52 -0.45
N GLU B 175 -35.83 -15.74 -1.01
CA GLU B 175 -35.04 -16.19 -2.14
C GLU B 175 -34.01 -17.19 -1.58
N ALA B 176 -33.68 -18.20 -2.38
CA ALA B 176 -32.72 -19.22 -1.95
C ALA B 176 -31.44 -18.55 -1.45
N ASN B 177 -31.07 -17.47 -2.13
CA ASN B 177 -29.89 -16.68 -1.82
C ASN B 177 -29.82 -16.25 -0.34
N ILE B 178 -30.95 -15.87 0.24
CA ILE B 178 -30.91 -15.44 1.62
C ILE B 178 -31.21 -16.59 2.57
N LEU B 179 -32.12 -17.46 2.17
CA LEU B 179 -32.47 -18.59 3.02
C LEU B 179 -31.24 -19.45 3.31
N LYS B 180 -30.48 -19.79 2.27
CA LYS B 180 -29.31 -20.65 2.44
C LYS B 180 -27.95 -19.97 2.45
N ALA B 181 -27.91 -18.66 2.65
CA ALA B 181 -26.62 -17.99 2.67
C ALA B 181 -26.37 -17.39 4.04
N ALA B 182 -27.29 -16.52 4.47
CA ALA B 182 -27.18 -15.87 5.77
C ALA B 182 -28.52 -15.36 6.28
N LEU B 198 -31.73 -29.69 -4.54
CA LEU B 198 -32.58 -30.75 -5.17
C LEU B 198 -32.36 -32.09 -4.50
N PHE B 199 -33.37 -32.58 -3.79
CA PHE B 199 -33.26 -33.86 -3.11
C PHE B 199 -33.58 -35.03 -4.03
N PRO B 200 -32.69 -36.02 -4.07
CA PRO B 200 -32.90 -37.20 -4.91
C PRO B 200 -34.11 -38.01 -4.45
N LYS B 201 -35.23 -37.90 -5.18
CA LYS B 201 -36.41 -38.67 -4.80
C LYS B 201 -36.01 -40.12 -5.12
N ALA B 202 -35.73 -40.87 -4.06
CA ALA B 202 -35.28 -42.26 -4.15
C ALA B 202 -36.25 -43.29 -4.71
N SER B 203 -35.67 -44.42 -5.10
CA SER B 203 -36.42 -45.55 -5.63
C SER B 203 -35.80 -46.80 -4.98
N PHE B 204 -34.78 -46.55 -4.17
CA PHE B 204 -34.03 -47.58 -3.45
C PHE B 204 -34.95 -48.57 -2.71
N CYS B 205 -34.81 -49.86 -3.01
CA CYS B 205 -35.64 -50.90 -2.39
C CYS B 205 -34.80 -52.03 -1.77
N TRP B 206 -35.44 -52.95 -1.06
CA TRP B 206 -34.69 -54.04 -0.42
C TRP B 206 -33.70 -54.75 -1.36
N ASN B 207 -34.09 -54.98 -2.61
CA ASN B 207 -33.21 -55.65 -3.57
C ASN B 207 -31.89 -54.91 -3.71
N ASP B 208 -31.97 -53.58 -3.78
CA ASP B 208 -30.80 -52.73 -3.94
C ASP B 208 -29.77 -52.87 -2.83
N LEU B 209 -30.18 -53.41 -1.67
CA LEU B 209 -29.24 -53.58 -0.58
C LEU B 209 -28.18 -54.60 -0.92
N SER B 210 -28.59 -55.67 -1.62
CA SER B 210 -27.61 -56.69 -2.00
C SER B 210 -26.56 -56.10 -2.91
N LEU B 211 -26.98 -55.20 -3.79
CA LEU B 211 -26.07 -54.56 -4.71
C LEU B 211 -25.13 -53.66 -3.91
N LEU B 212 -25.68 -52.90 -2.96
CA LEU B 212 -24.86 -52.03 -2.14
C LEU B 212 -23.85 -52.89 -1.39
N GLN B 213 -24.28 -54.03 -0.87
CA GLN B 213 -23.38 -54.89 -0.13
C GLN B 213 -22.27 -55.44 -1.03
N SER B 214 -22.55 -55.55 -2.32
CA SER B 214 -21.56 -56.06 -3.26
C SER B 214 -20.51 -54.99 -3.57
N ILE B 215 -20.86 -53.71 -3.45
CA ILE B 215 -19.90 -52.65 -3.75
C ILE B 215 -19.14 -52.09 -2.56
N THR B 216 -19.50 -52.48 -1.36
CA THR B 216 -18.80 -51.94 -0.19
C THR B 216 -18.38 -53.03 0.78
N ARG B 217 -17.26 -52.81 1.46
CA ARG B 217 -16.74 -53.73 2.45
C ARG B 217 -17.20 -53.34 3.87
N LEU B 218 -17.78 -52.15 3.97
CA LEU B 218 -18.22 -51.64 5.27
C LEU B 218 -19.53 -52.20 5.78
N PRO B 219 -19.65 -52.36 7.11
CA PRO B 219 -20.90 -52.88 7.68
C PRO B 219 -22.00 -51.87 7.33
N ILE B 220 -23.19 -52.39 7.05
CA ILE B 220 -24.33 -51.54 6.69
C ILE B 220 -25.28 -51.45 7.88
N ILE B 221 -25.67 -50.22 8.24
CA ILE B 221 -26.56 -49.98 9.36
C ILE B 221 -27.81 -49.32 8.76
N LEU B 222 -29.00 -49.89 8.92
CA LEU B 222 -30.21 -49.28 8.35
C LEU B 222 -30.83 -48.34 9.41
N LYS B 223 -31.10 -47.10 9.02
CA LYS B 223 -31.66 -46.11 9.94
C LYS B 223 -33.08 -45.75 9.52
N GLY B 224 -33.99 -45.84 10.49
CA GLY B 224 -35.39 -45.51 10.27
C GLY B 224 -36.39 -46.64 10.43
N ILE B 225 -35.92 -47.83 10.79
CA ILE B 225 -36.82 -48.95 10.97
C ILE B 225 -37.69 -48.74 12.21
N LEU B 226 -39.00 -48.94 12.06
CA LEU B 226 -39.96 -48.76 13.14
C LEU B 226 -40.83 -49.97 13.40
N THR B 227 -40.71 -50.99 12.55
CA THR B 227 -41.59 -52.15 12.68
C THR B 227 -40.83 -53.46 12.72
N LYS B 228 -41.48 -54.45 13.34
CA LYS B 228 -40.88 -55.77 13.41
C LYS B 228 -40.75 -56.36 11.98
N GLU B 229 -41.70 -56.05 11.10
CA GLU B 229 -41.62 -56.58 9.73
C GLU B 229 -40.40 -56.06 8.97
N ASP B 230 -40.07 -54.78 9.13
CA ASP B 230 -38.91 -54.28 8.45
C ASP B 230 -37.63 -54.77 9.12
N ALA B 231 -37.68 -54.98 10.44
CA ALA B 231 -36.54 -55.53 11.15
C ALA B 231 -36.27 -56.95 10.61
N GLU B 232 -37.32 -57.72 10.35
CA GLU B 232 -37.11 -59.08 9.84
C GLU B 232 -36.49 -59.01 8.46
N LEU B 233 -36.93 -58.07 7.62
CA LEU B 233 -36.33 -57.93 6.31
C LEU B 233 -34.87 -57.50 6.42
N ALA B 234 -34.56 -56.64 7.38
CA ALA B 234 -33.19 -56.21 7.56
C ALA B 234 -32.31 -57.42 7.88
N MET B 235 -32.80 -58.33 8.74
CA MET B 235 -32.01 -59.52 9.06
C MET B 235 -31.93 -60.47 7.86
N LYS B 236 -33.00 -60.59 7.09
CA LYS B 236 -32.98 -61.46 5.91
C LYS B 236 -31.98 -60.94 4.89
N HIS B 237 -31.79 -59.62 4.87
CA HIS B 237 -30.85 -59.02 3.96
C HIS B 237 -29.44 -58.87 4.51
N ASN B 238 -29.22 -59.48 5.67
CA ASN B 238 -27.91 -59.53 6.26
C ASN B 238 -27.19 -58.23 6.59
N VAL B 239 -27.92 -57.23 7.08
CA VAL B 239 -27.23 -55.99 7.47
C VAL B 239 -26.62 -56.16 8.86
N GLN B 240 -25.78 -55.19 9.28
CA GLN B 240 -25.06 -55.31 10.56
C GLN B 240 -25.64 -54.58 11.77
N GLY B 241 -26.62 -53.73 11.53
CA GLY B 241 -27.22 -53.02 12.64
C GLY B 241 -28.42 -52.25 12.16
N ILE B 242 -29.22 -51.81 13.14
CA ILE B 242 -30.43 -51.03 12.85
C ILE B 242 -30.52 -49.85 13.80
N VAL B 243 -30.81 -48.67 13.27
CA VAL B 243 -31.08 -47.54 14.17
C VAL B 243 -32.60 -47.37 14.11
N VAL B 244 -33.26 -47.60 15.22
CA VAL B 244 -34.71 -47.38 15.34
C VAL B 244 -34.86 -45.86 15.42
N SER B 245 -35.64 -45.33 14.49
CA SER B 245 -35.71 -43.87 14.40
C SER B 245 -36.92 -43.52 13.57
N ASN B 246 -37.51 -42.35 13.89
CA ASN B 246 -38.58 -41.79 13.06
C ASN B 246 -38.09 -40.45 12.50
N HIS B 247 -36.78 -40.32 12.39
CA HIS B 247 -36.17 -39.10 11.81
C HIS B 247 -36.61 -37.87 12.62
N GLY B 248 -36.72 -38.02 13.94
CA GLY B 248 -37.10 -36.89 14.77
C GLY B 248 -38.44 -36.29 14.49
N GLY B 249 -39.38 -37.05 13.94
CA GLY B 249 -40.68 -36.48 13.64
C GLY B 249 -40.65 -35.51 12.47
N ARG B 250 -39.63 -35.60 11.61
CA ARG B 250 -39.51 -34.72 10.44
C ARG B 250 -39.95 -35.35 9.13
N GLN B 251 -40.29 -36.64 9.16
CA GLN B 251 -40.65 -37.37 7.95
C GLN B 251 -42.11 -37.75 8.02
N LEU B 252 -42.46 -39.03 8.06
CA LEU B 252 -43.87 -39.36 8.18
C LEU B 252 -44.28 -39.08 9.63
N ASP B 253 -45.26 -38.19 9.81
CA ASP B 253 -45.73 -37.89 11.16
C ASP B 253 -46.80 -38.89 11.64
N GLU B 254 -47.00 -38.91 12.95
CA GLU B 254 -48.01 -39.76 13.60
C GLU B 254 -47.66 -41.23 13.62
N VAL B 255 -46.35 -41.49 13.49
CA VAL B 255 -45.82 -42.84 13.66
C VAL B 255 -45.48 -42.96 15.15
N SER B 256 -45.10 -44.15 15.59
CA SER B 256 -44.77 -44.33 16.99
C SER B 256 -43.52 -43.57 17.42
N ALA B 257 -43.48 -43.22 18.71
CA ALA B 257 -42.25 -42.63 19.25
C ALA B 257 -41.14 -43.68 19.06
N SER B 258 -39.93 -43.25 18.81
CA SER B 258 -38.86 -44.22 18.58
C SER B 258 -38.56 -45.09 19.80
N ILE B 259 -38.69 -44.58 21.04
CA ILE B 259 -38.40 -45.41 22.20
C ILE B 259 -39.48 -46.49 22.33
N ASP B 260 -40.66 -46.26 21.77
CA ASP B 260 -41.73 -47.27 21.83
C ASP B 260 -41.51 -48.29 20.70
N ALA B 261 -41.18 -47.84 19.50
CA ALA B 261 -40.90 -48.77 18.39
C ALA B 261 -39.71 -49.68 18.72
N LEU B 262 -38.79 -49.20 19.54
CA LEU B 262 -37.61 -49.97 19.91
C LEU B 262 -37.98 -51.33 20.46
N ARG B 263 -39.05 -51.39 21.25
CA ARG B 263 -39.44 -52.66 21.87
C ARG B 263 -39.71 -53.76 20.85
N GLU B 264 -40.52 -53.51 19.84
CA GLU B 264 -40.80 -54.60 18.92
C GLU B 264 -39.64 -54.92 18.01
N VAL B 265 -38.78 -53.94 17.77
CA VAL B 265 -37.64 -54.20 16.94
C VAL B 265 -36.66 -55.10 17.69
N VAL B 266 -36.40 -54.77 18.96
CA VAL B 266 -35.50 -55.58 19.77
C VAL B 266 -36.08 -57.00 19.89
N ALA B 267 -37.40 -57.13 20.08
CA ALA B 267 -38.04 -58.44 20.23
C ALA B 267 -37.90 -59.29 18.97
N ALA B 268 -37.92 -58.65 17.80
CA ALA B 268 -37.81 -59.37 16.53
C ALA B 268 -36.37 -59.80 16.28
N VAL B 269 -35.44 -58.92 16.61
CA VAL B 269 -34.04 -59.19 16.35
C VAL B 269 -33.41 -60.22 17.27
N LYS B 270 -33.91 -60.29 18.51
CA LYS B 270 -33.44 -61.25 19.50
C LYS B 270 -31.92 -61.33 19.61
N GLY B 271 -31.27 -60.17 19.62
CA GLY B 271 -29.82 -60.10 19.74
C GLY B 271 -28.96 -60.51 18.56
N LYS B 272 -29.55 -60.83 17.42
CA LYS B 272 -28.78 -61.24 16.24
C LYS B 272 -27.85 -60.15 15.70
N ILE B 273 -28.33 -58.89 15.72
CA ILE B 273 -27.51 -57.77 15.30
C ILE B 273 -27.79 -56.64 16.28
N GLU B 274 -26.89 -55.66 16.29
CA GLU B 274 -27.03 -54.53 17.19
C GLU B 274 -28.15 -53.59 16.76
N VAL B 275 -28.91 -53.17 17.78
CA VAL B 275 -30.01 -52.23 17.57
C VAL B 275 -29.72 -50.96 18.37
N TYR B 276 -29.83 -49.82 17.70
CA TYR B 276 -29.57 -48.51 18.32
C TYR B 276 -30.87 -47.72 18.15
N MET B 277 -30.90 -46.51 18.73
CA MET B 277 -32.07 -45.66 18.49
C MET B 277 -31.69 -44.20 18.59
N ASP B 278 -32.55 -43.37 17.98
CA ASP B 278 -32.45 -41.92 18.17
C ASP B 278 -33.87 -41.40 18.24
N GLY B 279 -34.00 -40.14 18.65
CA GLY B 279 -35.29 -39.48 18.72
C GLY B 279 -35.73 -39.14 20.12
N GLY B 280 -35.55 -37.87 20.50
CA GLY B 280 -36.00 -37.40 21.79
C GLY B 280 -35.10 -37.64 22.99
N VAL B 281 -33.88 -38.11 22.77
CA VAL B 281 -32.98 -38.34 23.90
C VAL B 281 -32.45 -36.99 24.39
N ARG B 282 -32.76 -36.64 25.64
CA ARG B 282 -32.34 -35.34 26.17
C ARG B 282 -31.72 -35.40 27.53
N THR B 283 -32.00 -36.46 28.30
CA THR B 283 -31.48 -36.59 29.64
C THR B 283 -30.88 -37.98 29.88
N GLY B 284 -30.07 -38.11 30.92
CA GLY B 284 -29.43 -39.39 31.21
C GLY B 284 -30.39 -40.54 31.35
N THR B 285 -31.54 -40.34 31.98
CA THR B 285 -32.45 -41.47 32.11
C THR B 285 -33.05 -41.91 30.78
N ASP B 286 -33.08 -41.02 29.77
CA ASP B 286 -33.59 -41.45 28.47
C ASP B 286 -32.56 -42.46 27.92
N VAL B 287 -31.27 -42.17 28.08
CA VAL B 287 -30.22 -43.08 27.59
C VAL B 287 -30.36 -44.39 28.36
N LEU B 288 -30.53 -44.30 29.68
CA LEU B 288 -30.68 -45.49 30.51
C LEU B 288 -31.87 -46.34 30.05
N LYS B 289 -33.01 -45.70 29.76
CA LYS B 289 -34.19 -46.45 29.32
C LYS B 289 -33.96 -47.11 27.98
N ALA B 290 -33.32 -46.44 27.03
CA ALA B 290 -33.07 -47.07 25.74
C ALA B 290 -32.20 -48.30 25.94
N LEU B 291 -31.17 -48.20 26.77
CA LEU B 291 -30.28 -49.34 27.01
C LEU B 291 -31.06 -50.44 27.71
N ALA B 292 -31.92 -50.08 28.66
CA ALA B 292 -32.68 -51.09 29.39
C ALA B 292 -33.61 -51.87 28.47
N LEU B 293 -34.18 -51.20 27.47
CA LEU B 293 -35.08 -51.82 26.52
C LEU B 293 -34.36 -52.55 25.40
N GLY B 294 -33.04 -52.59 25.44
CA GLY B 294 -32.30 -53.36 24.45
C GLY B 294 -31.45 -52.67 23.43
N ALA B 295 -31.44 -51.35 23.42
CA ALA B 295 -30.56 -50.67 22.49
C ALA B 295 -29.12 -50.79 22.97
N ARG B 296 -28.18 -50.81 22.03
CA ARG B 296 -26.77 -50.88 22.35
C ARG B 296 -26.22 -49.48 22.55
N CYS B 297 -26.86 -48.48 21.92
N CYS B 297 -26.88 -48.51 21.92
CA CYS B 297 -26.44 -47.10 22.13
CA CYS B 297 -26.39 -47.15 21.96
C CYS B 297 -27.50 -46.21 21.54
C CYS B 297 -27.49 -46.20 21.48
N ILE B 298 -27.41 -44.92 21.87
CA ILE B 298 -28.36 -43.95 21.33
C ILE B 298 -27.55 -42.94 20.52
N PHE B 299 -28.26 -42.24 19.63
CA PHE B 299 -27.68 -41.21 18.82
C PHE B 299 -28.49 -39.94 19.06
N LEU B 300 -27.76 -38.82 19.01
CA LEU B 300 -28.33 -37.47 19.18
C LEU B 300 -28.40 -36.70 17.88
N GLY B 301 -29.55 -36.13 17.59
CA GLY B 301 -29.68 -35.28 16.41
C GLY B 301 -29.57 -33.81 16.78
N ARG B 302 -30.73 -33.20 17.09
CA ARG B 302 -30.75 -31.78 17.42
C ARG B 302 -29.82 -31.29 18.50
N PRO B 303 -29.62 -32.05 19.59
CA PRO B 303 -28.74 -31.50 20.64
C PRO B 303 -27.33 -31.16 20.18
N ILE B 304 -26.81 -31.86 19.18
CA ILE B 304 -25.49 -31.56 18.69
C ILE B 304 -25.51 -30.20 18.00
N LEU B 305 -26.57 -29.94 17.22
CA LEU B 305 -26.70 -28.64 16.55
C LEU B 305 -26.89 -27.55 17.62
N TRP B 306 -27.61 -27.84 18.69
CA TRP B 306 -27.73 -26.79 19.73
C TRP B 306 -26.35 -26.48 20.31
N GLY B 307 -25.56 -27.52 20.58
CA GLY B 307 -24.21 -27.34 21.12
C GLY B 307 -23.38 -26.48 20.19
N LEU B 308 -23.41 -26.81 18.90
CA LEU B 308 -22.67 -25.98 17.93
C LEU B 308 -23.12 -24.53 17.92
N ALA B 309 -24.43 -24.31 17.90
CA ALA B 309 -24.98 -22.96 17.82
C ALA B 309 -24.58 -22.12 19.01
N CYS B 310 -24.42 -22.76 20.17
CA CYS B 310 -24.07 -22.05 21.38
C CYS B 310 -22.59 -21.77 21.52
N LYS B 311 -21.74 -22.76 21.25
CA LYS B 311 -20.32 -22.58 21.49
C LYS B 311 -19.38 -23.37 20.56
N GLY B 312 -19.84 -23.74 19.37
CA GLY B 312 -18.96 -24.48 18.47
C GLY B 312 -18.51 -25.82 19.01
N GLU B 313 -17.24 -26.18 18.78
CA GLU B 313 -16.70 -27.44 19.26
C GLU B 313 -16.91 -27.64 20.74
N ASP B 314 -16.64 -26.60 21.53
CA ASP B 314 -16.82 -26.73 22.96
C ASP B 314 -18.27 -26.98 23.34
N GLY B 315 -19.21 -26.48 22.53
CA GLY B 315 -20.63 -26.70 22.79
C GLY B 315 -21.01 -28.16 22.58
N VAL B 316 -20.53 -28.74 21.47
CA VAL B 316 -20.80 -30.15 21.17
C VAL B 316 -20.17 -30.99 22.28
N LYS B 317 -18.92 -30.67 22.67
CA LYS B 317 -18.25 -31.43 23.72
C LYS B 317 -19.02 -31.35 25.05
N GLU B 318 -19.51 -30.17 25.40
CA GLU B 318 -20.27 -30.00 26.63
C GLU B 318 -21.59 -30.80 26.58
N VAL B 319 -22.28 -30.80 25.45
CA VAL B 319 -23.52 -31.59 25.34
C VAL B 319 -23.19 -33.07 25.57
N LEU B 320 -22.13 -33.58 24.93
CA LEU B 320 -21.75 -34.99 25.12
C LEU B 320 -21.32 -35.25 26.56
N ASP B 321 -20.53 -34.35 27.14
CA ASP B 321 -20.08 -34.52 28.51
C ASP B 321 -21.23 -34.49 29.52
N ILE B 322 -22.16 -33.55 29.34
CA ILE B 322 -23.31 -33.43 30.23
C ILE B 322 -24.17 -34.68 30.15
N LEU B 323 -24.46 -35.14 28.94
CA LEU B 323 -25.32 -36.32 28.85
C LEU B 323 -24.62 -37.56 29.44
N THR B 324 -23.31 -37.66 29.22
CA THR B 324 -22.55 -38.75 29.79
C THR B 324 -22.58 -38.67 31.31
N ALA B 325 -22.43 -37.46 31.86
CA ALA B 325 -22.49 -37.28 33.31
C ALA B 325 -23.85 -37.64 33.86
N GLU B 326 -24.92 -37.30 33.14
CA GLU B 326 -26.25 -37.64 33.60
C GLU B 326 -26.43 -39.15 33.56
N LEU B 327 -25.91 -39.82 32.54
CA LEU B 327 -26.02 -41.29 32.47
C LEU B 327 -25.25 -41.89 33.65
N HIS B 328 -24.05 -41.40 33.92
CA HIS B 328 -23.26 -41.90 35.04
C HIS B 328 -24.04 -41.74 36.33
N ARG B 329 -24.70 -40.58 36.50
CA ARG B 329 -25.46 -40.32 37.72
C ARG B 329 -26.67 -41.24 37.85
N CYS B 330 -27.47 -41.40 36.78
CA CYS B 330 -28.63 -42.29 36.94
C CYS B 330 -28.25 -43.77 37.00
N MET B 331 -27.11 -44.17 36.46
CA MET B 331 -26.66 -45.56 36.61
C MET B 331 -26.29 -45.72 38.07
N THR B 332 -25.62 -44.72 38.65
CA THR B 332 -25.24 -44.81 40.06
C THR B 332 -26.47 -44.90 40.95
N LEU B 333 -27.45 -44.03 40.70
CA LEU B 333 -28.67 -44.04 41.52
C LEU B 333 -29.51 -45.29 41.34
N SER B 334 -29.61 -45.80 40.12
CA SER B 334 -30.44 -46.96 39.86
C SER B 334 -29.80 -48.31 40.19
N GLY B 335 -28.50 -48.31 40.49
CA GLY B 335 -27.82 -49.55 40.83
C GLY B 335 -27.17 -50.30 39.69
N CYS B 336 -26.83 -49.62 38.60
CA CYS B 336 -26.19 -50.28 37.45
C CYS B 336 -24.72 -49.90 37.39
N GLN B 337 -23.83 -50.85 37.67
CA GLN B 337 -22.41 -50.53 37.69
C GLN B 337 -21.76 -50.41 36.33
N SER B 338 -22.36 -51.03 35.33
CA SER B 338 -21.83 -50.96 33.98
C SER B 338 -22.98 -51.10 33.01
N VAL B 339 -22.70 -50.83 31.75
CA VAL B 339 -23.76 -50.89 30.75
C VAL B 339 -24.38 -52.28 30.66
N ALA B 340 -23.57 -53.31 30.89
CA ALA B 340 -24.10 -54.67 30.83
C ALA B 340 -25.15 -54.95 31.90
N GLU B 341 -25.14 -54.16 32.97
CA GLU B 341 -26.09 -54.35 34.07
C GLU B 341 -27.43 -53.63 33.87
N ILE B 342 -27.54 -52.84 32.81
CA ILE B 342 -28.77 -52.13 32.50
C ILE B 342 -29.71 -53.08 31.75
N SER B 343 -30.77 -53.52 32.41
CA SER B 343 -31.68 -54.50 31.83
C SER B 343 -33.15 -54.12 31.96
N PRO B 344 -34.04 -54.91 31.36
CA PRO B 344 -35.46 -54.60 31.44
C PRO B 344 -36.01 -54.63 32.85
N ASP B 345 -35.27 -55.20 33.80
CA ASP B 345 -35.73 -55.19 35.19
C ASP B 345 -35.90 -53.76 35.71
N LEU B 346 -35.20 -52.82 35.08
CA LEU B 346 -35.29 -51.40 35.45
C LEU B 346 -36.57 -50.73 35.01
N ILE B 347 -37.31 -51.35 34.10
CA ILE B 347 -38.52 -50.77 33.53
C ILE B 347 -39.80 -51.34 34.13
N GLN B 348 -40.72 -50.47 34.51
CA GLN B 348 -41.99 -50.87 35.09
C GLN B 348 -42.86 -51.40 33.96
N PHE B 349 -43.35 -52.62 34.12
CA PHE B 349 -44.20 -53.17 33.09
C PHE B 349 -45.64 -53.26 33.58
N PRO C 1 24.65 -19.62 -17.12
CA PRO C 1 23.76 -18.61 -16.53
C PRO C 1 23.58 -17.41 -17.47
N LEU C 2 22.57 -16.61 -17.18
CA LEU C 2 22.27 -15.40 -17.97
C LEU C 2 22.93 -14.27 -17.23
N VAL C 3 24.01 -13.73 -17.80
CA VAL C 3 24.76 -12.70 -17.08
C VAL C 3 24.67 -11.32 -17.69
N CYS C 4 24.03 -11.20 -18.85
CA CYS C 4 23.90 -9.92 -19.52
C CYS C 4 22.62 -9.96 -20.34
N LEU C 5 22.21 -8.81 -20.88
CA LEU C 5 20.98 -8.79 -21.65
C LEU C 5 21.07 -9.65 -22.91
N ALA C 6 22.24 -9.75 -23.54
CA ALA C 6 22.38 -10.59 -24.74
C ALA C 6 22.06 -12.06 -24.41
N ASP C 7 22.37 -12.49 -23.18
CA ASP C 7 22.07 -13.87 -22.80
C ASP C 7 20.56 -14.05 -22.71
N PHE C 8 19.85 -13.04 -22.19
CA PHE C 8 18.40 -13.14 -22.12
C PHE C 8 17.81 -13.16 -23.54
N LYS C 9 18.36 -12.40 -24.49
CA LYS C 9 17.86 -12.42 -25.86
C LYS C 9 17.99 -13.82 -26.45
N ALA C 10 19.16 -14.42 -26.29
CA ALA C 10 19.42 -15.75 -26.86
C ALA C 10 18.50 -16.81 -26.23
N HIS C 11 18.36 -16.76 -24.91
CA HIS C 11 17.53 -17.75 -24.22
C HIS C 11 16.06 -17.51 -24.53
N ALA C 12 15.63 -16.27 -24.67
CA ALA C 12 14.22 -16.01 -24.96
C ALA C 12 13.86 -16.61 -26.31
N GLN C 13 14.73 -16.50 -27.31
CA GLN C 13 14.41 -17.06 -28.61
C GLN C 13 14.23 -18.58 -28.50
N LYS C 14 15.04 -19.22 -27.68
CA LYS C 14 14.90 -20.66 -27.51
C LYS C 14 13.59 -21.02 -26.84
N GLN C 15 13.10 -20.16 -25.96
CA GLN C 15 11.89 -20.44 -25.22
C GLN C 15 10.57 -19.97 -25.82
N LEU C 16 10.64 -19.42 -27.03
CA LEU C 16 9.44 -18.92 -27.70
C LEU C 16 9.24 -19.58 -29.06
N SER C 17 8.00 -19.59 -29.52
CA SER C 17 7.69 -20.06 -30.84
C SER C 17 8.30 -19.13 -31.88
N LYS C 18 8.42 -19.60 -33.12
CA LYS C 18 8.95 -18.74 -34.18
C LYS C 18 8.04 -17.54 -34.35
N THR C 19 6.73 -17.75 -34.38
CA THR C 19 5.84 -16.61 -34.57
C THR C 19 5.93 -15.58 -33.47
N SER C 20 6.04 -15.98 -32.22
CA SER C 20 6.15 -15.02 -31.16
C SER C 20 7.47 -14.30 -31.19
N TRP C 21 8.55 -15.01 -31.48
CA TRP C 21 9.86 -14.37 -31.56
C TRP C 21 9.86 -13.38 -32.72
N ASP C 22 9.32 -13.77 -33.86
CA ASP C 22 9.26 -12.83 -35.00
C ASP C 22 8.48 -11.58 -34.61
N PHE C 23 7.45 -11.69 -33.80
CA PHE C 23 6.71 -10.49 -33.38
C PHE C 23 7.56 -9.62 -32.43
N ILE C 24 8.31 -10.23 -31.52
CA ILE C 24 9.13 -9.46 -30.60
C ILE C 24 10.29 -8.79 -31.32
N GLU C 25 10.85 -9.42 -32.34
CA GLU C 25 11.87 -8.76 -33.19
C GLU C 25 11.14 -7.69 -34.03
N GLY C 26 10.28 -8.11 -34.96
CA GLY C 26 9.45 -7.19 -35.74
C GLY C 26 10.13 -6.09 -36.51
N GLU C 27 11.27 -6.35 -37.12
CA GLU C 27 11.89 -5.22 -37.82
C GLU C 27 11.06 -4.93 -39.05
N ALA C 28 10.96 -3.64 -39.37
CA ALA C 28 10.24 -3.23 -40.57
C ALA C 28 11.10 -3.26 -41.82
N ASP C 29 10.46 -3.70 -42.90
CA ASP C 29 11.08 -3.70 -44.21
C ASP C 29 12.47 -4.31 -44.24
N ASP C 30 13.52 -3.61 -44.69
CA ASP C 30 14.85 -4.23 -44.78
C ASP C 30 15.59 -4.32 -43.43
N GLY C 31 14.99 -3.82 -42.35
CA GLY C 31 15.61 -3.96 -41.04
C GLY C 31 16.86 -3.14 -40.79
N ILE C 32 16.97 -2.01 -41.46
CA ILE C 32 18.16 -1.16 -41.33
C ILE C 32 18.25 -0.48 -39.96
N THR C 33 17.13 0.07 -39.51
CA THR C 33 17.11 0.80 -38.24
C THR C 33 17.24 -0.09 -37.01
N TYR C 34 16.65 -1.28 -37.04
CA TYR C 34 16.81 -2.23 -35.95
C TYR C 34 18.31 -2.41 -35.69
N SER C 35 19.09 -2.64 -36.76
CA SER C 35 20.53 -2.87 -36.56
C SER C 35 21.28 -1.60 -36.20
N GLU C 36 20.87 -0.49 -36.82
CA GLU C 36 21.58 0.77 -36.54
C GLU C 36 21.37 1.26 -35.10
N ASN C 37 20.25 0.92 -34.48
CA ASN C 37 20.07 1.36 -33.10
C ASN C 37 21.18 0.85 -32.22
N ILE C 38 21.67 -0.37 -32.51
CA ILE C 38 22.75 -0.96 -31.75
C ILE C 38 24.10 -0.41 -32.25
N ALA C 39 24.32 -0.44 -33.57
CA ALA C 39 25.61 0.03 -34.11
C ALA C 39 25.92 1.49 -33.76
N ALA C 40 24.90 2.33 -33.71
CA ALA C 40 25.12 3.73 -33.36
C ALA C 40 25.60 3.90 -31.94
N PHE C 41 25.16 3.05 -31.02
CA PHE C 41 25.70 3.11 -29.68
C PHE C 41 27.16 2.64 -29.67
N LYS C 42 27.43 1.57 -30.41
CA LYS C 42 28.77 0.97 -30.33
C LYS C 42 29.87 1.84 -30.87
N ARG C 43 29.55 2.73 -31.82
CA ARG C 43 30.61 3.55 -32.40
C ARG C 43 30.98 4.79 -31.63
N ILE C 44 30.20 5.16 -30.62
CA ILE C 44 30.50 6.36 -29.80
C ILE C 44 31.63 5.95 -28.87
N ARG C 45 32.61 6.84 -28.71
CA ARG C 45 33.77 6.54 -27.84
C ARG C 45 33.74 7.30 -26.54
N LEU C 46 34.06 6.62 -25.45
CA LEU C 46 34.07 7.18 -24.11
C LEU C 46 35.45 7.66 -23.70
N ARG C 47 35.45 8.72 -22.89
CA ARG C 47 36.67 9.37 -22.36
C ARG C 47 36.59 9.30 -20.83
N PRO C 48 37.19 8.28 -20.23
CA PRO C 48 37.14 8.16 -18.77
C PRO C 48 38.07 9.08 -18.02
N ARG C 49 37.67 9.43 -16.79
CA ARG C 49 38.51 10.25 -15.90
C ARG C 49 38.82 9.38 -14.70
N TYR C 50 40.09 9.05 -14.54
CA TYR C 50 40.51 8.14 -13.51
C TYR C 50 41.05 8.81 -12.23
N LEU C 51 41.27 8.01 -11.21
CA LEU C 51 41.82 8.47 -9.91
C LEU C 51 40.93 9.48 -9.18
N ARG C 52 39.63 9.29 -9.29
CA ARG C 52 38.70 10.13 -8.55
C ARG C 52 38.14 9.23 -7.43
N ASP C 53 37.52 9.84 -6.42
CA ASP C 53 36.96 9.06 -5.32
C ASP C 53 35.63 8.46 -5.74
N MET C 54 35.64 7.20 -6.15
N MET C 54 35.64 7.20 -6.16
CA MET C 54 34.44 6.51 -6.60
CA MET C 54 34.40 6.56 -6.59
C MET C 54 33.91 5.47 -5.61
C MET C 54 33.90 5.48 -5.62
N SER C 55 34.20 5.68 -4.33
CA SER C 55 33.76 4.72 -3.31
C SER C 55 32.24 4.67 -3.14
N LYS C 56 31.54 5.74 -3.49
CA LYS C 56 30.07 5.80 -3.36
C LYS C 56 29.29 6.24 -4.61
N VAL C 57 29.17 5.39 -5.62
CA VAL C 57 28.45 5.79 -6.84
C VAL C 57 26.93 5.64 -6.63
N ASP C 58 26.18 6.65 -7.08
CA ASP C 58 24.72 6.70 -6.88
C ASP C 58 24.08 6.76 -8.28
N THR C 59 23.22 5.79 -8.55
CA THR C 59 22.55 5.77 -9.86
C THR C 59 21.15 6.37 -9.85
N ARG C 60 20.70 6.89 -8.70
CA ARG C 60 19.33 7.44 -8.65
C ARG C 60 19.14 8.70 -9.46
N THR C 61 17.90 8.91 -9.89
CA THR C 61 17.57 10.16 -10.56
C THR C 61 16.07 10.39 -10.37
N THR C 62 15.54 11.41 -11.02
CA THR C 62 14.09 11.66 -10.96
C THR C 62 13.58 11.87 -12.38
N ILE C 63 12.35 11.46 -12.63
CA ILE C 63 11.69 11.78 -13.91
C ILE C 63 10.33 12.31 -13.51
N GLN C 64 9.95 13.43 -14.13
CA GLN C 64 8.68 14.10 -13.78
C GLN C 64 8.59 14.31 -12.25
N GLY C 65 9.75 14.60 -11.65
CA GLY C 65 9.82 14.87 -10.21
C GLY C 65 9.75 13.68 -9.28
N GLN C 66 9.73 12.47 -9.82
CA GLN C 66 9.64 11.26 -9.02
C GLN C 66 10.97 10.51 -9.02
N GLU C 67 11.46 10.16 -7.84
CA GLU C 67 12.73 9.45 -7.76
C GLU C 67 12.62 8.00 -8.19
N ILE C 68 13.61 7.55 -8.96
CA ILE C 68 13.70 6.16 -9.41
C ILE C 68 15.13 5.66 -9.07
N SER C 69 15.28 4.35 -8.95
CA SER C 69 16.59 3.78 -8.52
C SER C 69 17.72 3.93 -9.52
N ALA C 70 17.37 4.04 -10.80
CA ALA C 70 18.35 4.21 -11.87
C ALA C 70 17.57 4.77 -13.04
N PRO C 71 18.26 5.42 -14.01
CA PRO C 71 17.56 6.01 -15.17
C PRO C 71 17.28 4.96 -16.24
N ILE C 72 16.61 3.89 -15.82
CA ILE C 72 16.34 2.71 -16.65
C ILE C 72 14.90 2.32 -16.40
N CYS C 73 14.05 2.56 -17.40
CA CYS C 73 12.61 2.32 -17.24
C CYS C 73 12.05 1.41 -18.31
N ILE C 74 10.76 1.10 -18.26
CA ILE C 74 10.16 0.16 -19.17
C ILE C 74 9.28 0.84 -20.21
N SER C 75 9.67 0.75 -21.49
CA SER C 75 8.89 1.35 -22.56
C SER C 75 7.64 0.51 -22.80
N PRO C 76 6.58 1.13 -23.34
CA PRO C 76 5.35 0.41 -23.60
C PRO C 76 5.52 -0.66 -24.65
N THR C 77 5.14 -1.90 -24.32
CA THR C 77 5.22 -2.99 -25.28
C THR C 77 3.95 -3.82 -25.10
N ALA C 78 3.27 -4.06 -26.21
CA ALA C 78 2.01 -4.80 -26.19
C ALA C 78 2.12 -6.27 -25.81
N PHE C 79 1.02 -6.79 -25.28
CA PHE C 79 0.85 -8.22 -25.08
C PHE C 79 1.89 -9.00 -24.32
N HIS C 80 2.11 -8.65 -23.06
CA HIS C 80 3.14 -9.39 -22.32
C HIS C 80 2.85 -10.88 -22.16
N SER C 81 1.59 -11.28 -22.28
N SER C 81 1.58 -11.28 -22.29
CA SER C 81 1.30 -12.70 -22.13
CA SER C 81 1.28 -12.70 -22.13
C SER C 81 1.85 -13.54 -23.26
C SER C 81 1.85 -13.54 -23.26
N ILE C 82 2.35 -12.91 -24.31
CA ILE C 82 2.94 -13.68 -25.39
C ILE C 82 4.26 -14.26 -24.83
N ALA C 83 4.85 -13.57 -23.85
CA ALA C 83 6.12 -14.01 -23.28
C ALA C 83 6.01 -14.82 -22.00
N TRP C 84 5.00 -14.54 -21.18
CA TRP C 84 4.86 -15.21 -19.88
C TRP C 84 3.38 -15.17 -19.51
N PRO C 85 2.83 -16.25 -18.96
CA PRO C 85 1.38 -16.23 -18.64
C PRO C 85 0.82 -15.10 -17.83
N ASP C 86 1.51 -14.71 -16.75
CA ASP C 86 1.06 -13.62 -15.90
C ASP C 86 1.27 -12.24 -16.53
N GLY C 87 1.92 -12.23 -17.68
CA GLY C 87 2.13 -11.00 -18.45
C GLY C 87 2.48 -9.75 -17.67
N GLU C 88 1.69 -8.72 -17.89
CA GLU C 88 1.95 -7.44 -17.26
C GLU C 88 1.90 -7.41 -15.74
N LYS C 89 1.27 -8.41 -15.13
CA LYS C 89 1.23 -8.43 -13.67
C LYS C 89 2.64 -8.74 -13.17
N SER C 90 3.32 -9.65 -13.87
CA SER C 90 4.72 -9.99 -13.52
C SER C 90 5.60 -8.76 -13.76
N THR C 91 5.42 -8.09 -14.90
CA THR C 91 6.20 -6.91 -15.18
C THR C 91 6.02 -5.84 -14.10
N ALA C 92 4.75 -5.62 -13.70
CA ALA C 92 4.46 -4.61 -12.72
C ALA C 92 5.09 -4.92 -11.36
N ARG C 93 5.09 -6.18 -10.96
CA ARG C 93 5.70 -6.57 -9.69
C ARG C 93 7.20 -6.33 -9.72
N ALA C 94 7.83 -6.70 -10.85
CA ALA C 94 9.28 -6.47 -10.92
C ALA C 94 9.63 -4.98 -10.93
N ALA C 95 8.86 -4.19 -11.68
CA ALA C 95 9.11 -2.78 -11.76
C ALA C 95 8.96 -2.07 -10.42
N GLN C 96 7.96 -2.49 -9.66
CA GLN C 96 7.76 -1.86 -8.36
C GLN C 96 8.92 -2.23 -7.43
N GLU C 97 9.36 -3.48 -7.48
CA GLU C 97 10.48 -3.87 -6.61
C GLU C 97 11.77 -3.15 -6.99
N ALA C 98 11.97 -2.95 -8.30
CA ALA C 98 13.16 -2.24 -8.75
C ALA C 98 13.08 -0.72 -8.54
N ASN C 99 11.87 -0.22 -8.28
CA ASN C 99 11.62 1.20 -8.09
C ASN C 99 11.96 2.06 -9.33
N ILE C 100 11.44 1.63 -10.48
CA ILE C 100 11.61 2.41 -11.71
C ILE C 100 10.21 2.63 -12.28
N CYS C 101 10.14 3.34 -13.41
CA CYS C 101 8.87 3.62 -14.04
C CYS C 101 8.48 2.59 -15.09
N TYR C 102 7.26 2.11 -15.02
CA TYR C 102 6.74 1.13 -15.96
C TYR C 102 5.66 1.78 -16.82
N VAL C 103 5.89 1.87 -18.13
CA VAL C 103 4.88 2.43 -19.03
C VAL C 103 4.07 1.26 -19.57
N ILE C 104 2.78 1.23 -19.23
N ILE C 104 2.78 1.23 -19.23
CA ILE C 104 1.90 0.16 -19.68
CA ILE C 104 1.89 0.16 -19.69
C ILE C 104 1.38 0.47 -21.09
C ILE C 104 1.38 0.47 -21.09
N SER C 105 1.45 -0.50 -21.98
CA SER C 105 0.99 -0.34 -23.36
C SER C 105 -0.52 -0.19 -23.48
N SER C 106 -0.94 0.40 -24.59
CA SER C 106 -2.34 0.58 -24.89
C SER C 106 -2.99 -0.77 -25.28
N TYR C 107 -2.16 -1.79 -25.46
CA TYR C 107 -2.64 -3.12 -25.82
C TYR C 107 -2.08 -4.17 -24.90
N ALA C 108 -2.37 -4.04 -23.61
CA ALA C 108 -1.90 -5.01 -22.63
C ALA C 108 -2.77 -6.25 -22.62
N SER C 109 -2.18 -7.38 -22.19
CA SER C 109 -2.88 -8.66 -22.08
C SER C 109 -3.88 -8.65 -20.94
N TYR C 110 -3.56 -7.91 -19.89
CA TYR C 110 -4.42 -7.80 -18.70
C TYR C 110 -4.97 -6.40 -18.55
N SER C 111 -6.12 -6.29 -17.87
CA SER C 111 -6.76 -5.00 -17.66
C SER C 111 -5.92 -4.15 -16.74
N LEU C 112 -6.07 -2.84 -16.84
CA LEU C 112 -5.33 -1.94 -15.99
C LEU C 112 -5.57 -2.22 -14.51
N GLU C 113 -6.80 -2.59 -14.18
CA GLU C 113 -7.18 -2.91 -12.80
C GLU C 113 -6.36 -4.07 -12.28
N ASP C 114 -6.27 -5.13 -13.07
CA ASP C 114 -5.52 -6.31 -12.65
C ASP C 114 -4.03 -6.01 -12.53
N ILE C 115 -3.53 -5.10 -13.35
CA ILE C 115 -2.09 -4.78 -13.31
C ILE C 115 -1.79 -3.98 -12.07
N VAL C 116 -2.59 -2.95 -11.81
CA VAL C 116 -2.39 -2.12 -10.64
C VAL C 116 -2.55 -2.92 -9.34
N ALA C 117 -3.53 -3.81 -9.31
CA ALA C 117 -3.77 -4.63 -8.11
C ALA C 117 -2.57 -5.54 -7.81
N ALA C 118 -1.87 -5.96 -8.87
CA ALA C 118 -0.69 -6.82 -8.69
C ALA C 118 0.48 -6.09 -8.02
N ALA C 119 0.57 -4.77 -8.14
CA ALA C 119 1.64 -4.00 -7.54
C ALA C 119 1.13 -2.61 -7.31
N PRO C 120 0.25 -2.44 -6.32
CA PRO C 120 -0.34 -1.14 -6.00
C PRO C 120 0.56 0.08 -5.87
N GLU C 121 1.76 -0.09 -5.32
CA GLU C 121 2.65 1.03 -5.08
C GLU C 121 3.60 1.36 -6.24
N GLY C 122 3.49 0.64 -7.34
CA GLY C 122 4.42 0.90 -8.44
C GLY C 122 4.21 2.23 -9.16
N PHE C 123 5.30 2.80 -9.65
CA PHE C 123 5.28 4.04 -10.41
C PHE C 123 5.00 3.65 -11.87
N ARG C 124 3.88 4.13 -12.42
CA ARG C 124 3.47 3.73 -13.77
C ARG C 124 2.94 4.86 -14.59
N TRP C 125 3.17 4.74 -15.91
CA TRP C 125 2.63 5.68 -16.90
C TRP C 125 1.76 4.80 -17.79
N PHE C 126 0.86 5.44 -18.57
CA PHE C 126 -0.02 4.68 -19.43
C PHE C 126 0.08 5.23 -20.85
N GLN C 127 0.34 4.34 -21.80
CA GLN C 127 0.40 4.74 -23.21
C GLN C 127 -0.96 4.46 -23.78
N LEU C 128 -1.59 5.49 -24.29
CA LEU C 128 -2.90 5.34 -24.87
C LEU C 128 -2.97 5.75 -26.33
N TYR C 129 -3.47 4.86 -27.17
CA TYR C 129 -3.66 5.19 -28.57
C TYR C 129 -5.06 5.82 -28.61
N MET C 130 -5.15 7.10 -28.96
CA MET C 130 -6.43 7.80 -29.00
C MET C 130 -7.35 7.27 -30.08
N LYS C 131 -8.66 7.39 -29.86
CA LYS C 131 -9.62 6.93 -30.85
C LYS C 131 -10.54 8.06 -31.28
N SER C 132 -11.29 7.82 -32.36
CA SER C 132 -12.20 8.81 -32.90
C SER C 132 -13.17 9.39 -31.87
N ASP C 133 -13.74 8.50 -31.06
CA ASP C 133 -14.70 8.87 -30.03
C ASP C 133 -14.07 9.52 -28.80
N TRP C 134 -14.31 10.82 -28.61
CA TRP C 134 -13.76 11.52 -27.47
C TRP C 134 -14.46 11.20 -26.15
N ASP C 135 -15.54 10.43 -26.22
CA ASP C 135 -16.24 10.03 -25.01
C ASP C 135 -15.44 8.88 -24.43
N PHE C 136 -15.02 7.97 -25.32
CA PHE C 136 -14.22 6.82 -24.92
C PHE C 136 -12.86 7.32 -24.41
N ASN C 137 -12.32 8.32 -25.08
CA ASN C 137 -11.02 8.87 -24.69
C ASN C 137 -11.06 9.44 -23.28
N LYS C 138 -12.07 10.26 -22.98
CA LYS C 138 -12.13 10.85 -21.66
C LYS C 138 -12.41 9.81 -20.58
N GLN C 139 -13.14 8.76 -20.93
CA GLN C 139 -13.42 7.69 -19.97
C GLN C 139 -12.15 6.89 -19.70
N MET C 140 -11.38 6.61 -20.76
CA MET C 140 -10.12 5.89 -20.62
C MET C 140 -9.14 6.70 -19.77
N VAL C 141 -9.08 7.99 -20.03
CA VAL C 141 -8.16 8.85 -19.29
C VAL C 141 -8.57 8.91 -17.83
N GLN C 142 -9.87 9.05 -17.58
CA GLN C 142 -10.31 9.13 -16.21
C GLN C 142 -10.05 7.80 -15.49
N ARG C 143 -10.14 6.80 -15.98
CA ARG C 143 -9.85 5.45 -15.48
C ARG C 143 -8.37 5.41 -15.06
N ALA C 144 -7.52 5.78 -16.09
CA ALA C 144 -6.08 5.80 -15.81
C ALA C 144 -5.75 6.65 -14.60
N GLU C 145 -6.34 7.84 -14.53
CA GLU C 145 -6.13 8.74 -13.42
C GLU C 145 -6.62 8.08 -12.12
N ALA C 146 -7.80 7.48 -12.16
CA ALA C 146 -8.36 6.82 -10.97
C ALA C 146 -7.52 5.63 -10.51
N LEU C 147 -6.82 5.00 -11.45
CA LEU C 147 -5.98 3.86 -11.09
C LEU C 147 -4.56 4.28 -10.67
N GLY C 148 -4.31 5.57 -10.55
CA GLY C 148 -3.03 6.05 -10.07
C GLY C 148 -1.89 6.17 -11.08
N PHE C 149 -2.20 6.15 -12.38
CA PHE C 149 -1.12 6.34 -13.36
C PHE C 149 -0.65 7.78 -13.25
N LYS C 150 0.65 8.02 -13.45
CA LYS C 150 1.21 9.36 -13.26
C LYS C 150 1.57 10.20 -14.45
N ALA C 151 1.42 9.63 -15.64
CA ALA C 151 1.63 10.37 -16.89
C ALA C 151 0.97 9.59 -18.00
N LEU C 152 0.67 10.30 -19.10
CA LEU C 152 0.08 9.71 -20.29
C LEU C 152 1.11 9.81 -21.40
N VAL C 153 1.36 8.66 -22.06
CA VAL C 153 2.31 8.64 -23.17
C VAL C 153 1.52 8.51 -24.45
N ILE C 154 1.76 9.43 -25.38
CA ILE C 154 1.12 9.35 -26.68
C ILE C 154 2.25 9.00 -27.66
N THR C 155 2.11 7.83 -28.28
CA THR C 155 3.09 7.37 -29.30
C THR C 155 2.61 7.93 -30.61
N ILE C 156 3.49 8.67 -31.28
CA ILE C 156 3.12 9.40 -32.49
C ILE C 156 3.63 8.87 -33.79
N ASP C 157 4.35 7.75 -33.73
CA ASP C 157 4.99 7.21 -34.94
C ASP C 157 4.30 5.99 -35.50
N THR C 158 3.06 5.78 -35.06
N THR C 158 3.06 5.79 -35.06
CA THR C 158 2.27 4.62 -35.47
CA THR C 158 2.27 4.65 -35.48
C THR C 158 0.85 4.95 -36.00
C THR C 158 0.86 4.96 -35.99
N PRO C 159 0.73 5.91 -36.94
CA PRO C 159 -0.59 6.25 -37.49
C PRO C 159 -1.11 4.98 -38.22
N VAL C 160 -0.19 4.16 -38.75
CA VAL C 160 -0.50 2.85 -39.32
C VAL C 160 0.62 1.94 -38.82
N LEU C 161 0.42 0.64 -38.89
CA LEU C 161 1.47 -0.27 -38.43
C LEU C 161 2.59 -0.40 -39.44
N GLY C 162 3.80 -0.58 -38.93
CA GLY C 162 4.94 -0.80 -39.81
C GLY C 162 4.81 -2.14 -40.55
N ASN C 163 5.58 -2.28 -41.62
CA ASN C 163 5.54 -3.45 -42.50
C ASN C 163 6.62 -4.45 -42.08
N ARG C 164 6.22 -5.40 -41.26
CA ARG C 164 7.15 -6.38 -40.68
C ARG C 164 6.98 -7.66 -41.47
N ARG C 165 7.94 -7.92 -42.34
CA ARG C 165 7.85 -9.04 -43.29
C ARG C 165 7.63 -10.42 -42.67
N ARG C 166 8.36 -10.73 -41.61
CA ARG C 166 8.19 -12.04 -41.01
C ARG C 166 6.79 -12.20 -40.44
N ASP C 167 6.26 -11.21 -39.73
CA ASP C 167 4.90 -11.29 -39.19
C ASP C 167 3.92 -11.51 -40.35
N LYS C 168 4.13 -10.82 -41.46
CA LYS C 168 3.24 -10.95 -42.60
C LYS C 168 3.25 -12.34 -43.17
N ARG C 169 4.41 -12.95 -43.27
CA ARG C 169 4.46 -14.29 -43.81
C ARG C 169 3.74 -15.22 -42.82
N ASN C 170 3.99 -15.03 -41.53
CA ASN C 170 3.34 -15.89 -40.52
C ASN C 170 1.82 -15.72 -40.51
N GLN C 171 1.35 -14.50 -40.72
CA GLN C 171 -0.08 -14.19 -40.70
C GLN C 171 -0.87 -14.77 -41.87
N LEU C 172 -0.23 -14.82 -43.03
CA LEU C 172 -0.89 -15.35 -44.23
C LEU C 172 -0.91 -16.87 -44.24
N ASN C 173 0.02 -17.47 -43.49
CA ASN C 173 0.10 -18.92 -43.42
C ASN C 173 -0.72 -19.55 -42.29
N LEU C 174 -0.97 -18.80 -41.23
CA LEU C 174 -1.71 -19.31 -40.08
C LEU C 174 -2.99 -18.58 -39.69
N GLU C 175 -3.98 -19.34 -39.23
CA GLU C 175 -5.26 -18.79 -38.79
C GLU C 175 -4.96 -17.94 -37.55
N ALA C 176 -5.61 -16.79 -37.44
CA ALA C 176 -5.41 -15.88 -36.32
C ALA C 176 -5.62 -16.57 -34.97
N ASN C 177 -6.46 -17.59 -34.97
CA ASN C 177 -6.75 -18.34 -33.76
C ASN C 177 -5.54 -19.11 -33.19
N ILE C 178 -4.60 -19.50 -34.04
CA ILE C 178 -3.44 -20.22 -33.55
C ILE C 178 -2.24 -19.29 -33.40
N LEU C 179 -2.26 -18.20 -34.17
CA LEU C 179 -1.19 -17.21 -34.13
C LEU C 179 -1.28 -16.38 -32.84
N LYS C 180 -2.52 -16.10 -32.42
CA LYS C 180 -2.77 -15.30 -31.22
C LYS C 180 -3.22 -16.11 -29.99
N ALA C 181 -3.33 -17.42 -30.12
CA ALA C 181 -3.75 -18.24 -28.98
C ALA C 181 -2.54 -18.89 -28.34
N ALA C 182 -1.83 -19.69 -29.13
CA ALA C 182 -0.63 -20.41 -28.67
C ALA C 182 0.17 -20.98 -29.83
N LEU C 198 -7.35 -5.46 -35.45
CA LEU C 198 -6.70 -4.43 -36.30
C LEU C 198 -6.75 -3.02 -35.71
N PHE C 199 -5.87 -2.19 -36.29
CA PHE C 199 -5.51 -0.81 -35.90
C PHE C 199 -6.53 0.29 -36.14
N PRO C 200 -6.31 1.16 -37.14
CA PRO C 200 -5.31 2.24 -37.18
C PRO C 200 -5.71 3.71 -37.58
N LYS C 201 -5.21 4.65 -36.77
CA LYS C 201 -5.48 6.02 -36.43
C LYS C 201 -5.26 6.92 -37.64
N ALA C 202 -4.00 7.31 -37.82
CA ALA C 202 -3.56 8.15 -38.93
C ALA C 202 -4.09 9.58 -38.92
N SER C 203 -5.17 9.80 -38.17
CA SER C 203 -5.77 11.13 -38.09
C SER C 203 -5.34 12.03 -36.91
N PHE C 204 -4.98 11.44 -35.76
CA PHE C 204 -4.56 12.25 -34.59
C PHE C 204 -3.46 13.19 -35.04
N CYS C 205 -3.65 14.47 -34.76
CA CYS C 205 -2.67 15.46 -35.17
C CYS C 205 -2.38 16.44 -34.04
N TRP C 206 -1.45 17.36 -34.29
CA TRP C 206 -1.05 18.34 -33.28
C TRP C 206 -2.24 19.07 -32.70
N ASN C 207 -3.19 19.43 -33.55
CA ASN C 207 -4.39 20.17 -33.10
C ASN C 207 -5.27 19.39 -32.14
N ASP C 208 -5.08 18.08 -32.06
CA ASP C 208 -5.90 17.29 -31.16
C ASP C 208 -5.33 17.21 -29.73
N LEU C 209 -4.10 17.68 -29.53
CA LEU C 209 -3.52 17.59 -28.19
C LEU C 209 -4.29 18.42 -27.15
N SER C 210 -4.84 19.55 -27.57
CA SER C 210 -5.56 20.39 -26.60
C SER C 210 -6.82 19.73 -26.06
N LEU C 211 -7.43 18.85 -26.85
CA LEU C 211 -8.61 18.14 -26.40
C LEU C 211 -8.21 17.19 -25.29
N LEU C 212 -7.00 16.62 -25.39
CA LEU C 212 -6.53 15.71 -24.37
C LEU C 212 -6.13 16.50 -23.13
N GLN C 213 -5.45 17.64 -23.33
CA GLN C 213 -5.02 18.45 -22.19
C GLN C 213 -6.21 19.01 -21.42
N SER C 214 -7.37 19.04 -22.06
CA SER C 214 -8.61 19.52 -21.42
C SER C 214 -9.21 18.51 -20.50
N ILE C 215 -8.98 17.24 -20.79
CA ILE C 215 -9.56 16.24 -19.95
C ILE C 215 -8.62 15.69 -18.87
N THR C 216 -7.37 16.15 -18.86
CA THR C 216 -6.42 15.71 -17.84
C THR C 216 -5.32 16.72 -17.50
N ARG C 217 -4.90 16.63 -16.25
CA ARG C 217 -3.84 17.46 -15.70
C ARG C 217 -2.53 16.63 -15.70
N LEU C 218 -2.65 15.33 -15.95
CA LEU C 218 -1.45 14.46 -15.96
C LEU C 218 -0.46 14.91 -17.01
N PRO C 219 0.84 14.79 -16.75
CA PRO C 219 1.86 15.20 -17.73
C PRO C 219 1.68 14.32 -18.97
N ILE C 220 1.86 14.94 -20.13
CA ILE C 220 1.74 14.26 -21.40
C ILE C 220 3.14 14.14 -21.98
N ILE C 221 3.49 12.90 -22.34
CA ILE C 221 4.83 12.59 -22.87
C ILE C 221 4.65 12.12 -24.31
N LEU C 222 5.32 12.77 -25.27
CA LEU C 222 5.17 12.31 -26.67
C LEU C 222 6.34 11.37 -27.00
N LYS C 223 5.99 10.20 -27.49
CA LYS C 223 6.98 9.18 -27.81
C LYS C 223 7.09 8.97 -29.32
N GLY C 224 8.33 9.01 -29.83
CA GLY C 224 8.56 8.79 -31.24
C GLY C 224 9.18 9.97 -31.97
N ILE C 225 9.47 11.05 -31.25
CA ILE C 225 10.08 12.21 -31.91
C ILE C 225 11.51 11.94 -32.34
N LEU C 226 11.84 12.29 -33.58
CA LEU C 226 13.19 12.08 -34.11
C LEU C 226 13.83 13.32 -34.67
N THR C 227 13.10 14.42 -34.74
CA THR C 227 13.63 15.62 -35.36
C THR C 227 13.47 16.86 -34.51
N LYS C 228 14.33 17.83 -34.78
CA LYS C 228 14.25 19.10 -34.05
C LYS C 228 12.94 19.79 -34.38
N GLU C 229 12.42 19.63 -35.60
CA GLU C 229 11.17 20.30 -35.95
C GLU C 229 9.99 19.74 -35.14
N ASP C 230 9.93 18.43 -34.94
CA ASP C 230 8.85 17.89 -34.15
C ASP C 230 9.09 18.20 -32.67
N ALA C 231 10.35 18.29 -32.24
CA ALA C 231 10.59 18.67 -30.83
C ALA C 231 10.10 20.11 -30.59
N GLU C 232 10.32 21.00 -31.56
CA GLU C 232 9.84 22.39 -31.39
C GLU C 232 8.31 22.39 -31.34
N LEU C 233 7.65 21.59 -32.17
CA LEU C 233 6.18 21.51 -32.12
C LEU C 233 5.72 20.93 -30.78
N ALA C 234 6.47 19.96 -30.23
CA ALA C 234 6.07 19.42 -28.95
C ALA C 234 6.12 20.51 -27.87
N MET C 235 7.17 21.34 -27.87
CA MET C 235 7.25 22.41 -26.86
C MET C 235 6.19 23.46 -27.10
N LYS C 236 5.90 23.74 -28.36
CA LYS C 236 4.86 24.73 -28.66
C LYS C 236 3.51 24.27 -28.14
N HIS C 237 3.27 22.96 -28.12
CA HIS C 237 2.02 22.42 -27.64
C HIS C 237 1.99 22.07 -26.18
N ASN C 238 3.00 22.53 -25.45
CA ASN C 238 2.99 22.45 -24.01
C ASN C 238 2.93 21.08 -23.38
N VAL C 239 3.68 20.15 -23.97
CA VAL C 239 3.73 18.82 -23.36
C VAL C 239 4.87 18.79 -22.32
N GLN C 240 4.92 17.70 -21.55
CA GLN C 240 5.85 17.61 -20.43
C GLN C 240 7.10 16.80 -20.63
N GLY C 241 7.18 16.10 -21.74
CA GLY C 241 8.39 15.31 -21.97
C GLY C 241 8.30 14.72 -23.35
N ILE C 242 9.46 14.25 -23.84
CA ILE C 242 9.58 13.61 -25.15
C ILE C 242 10.42 12.33 -25.01
N VAL C 243 9.94 11.24 -25.61
CA VAL C 243 10.78 10.04 -25.68
C VAL C 243 11.31 10.01 -27.14
N VAL C 244 12.62 10.21 -27.32
CA VAL C 244 13.26 10.11 -28.65
C VAL C 244 13.27 8.60 -28.95
N SER C 245 12.65 8.20 -30.05
CA SER C 245 12.45 6.80 -30.34
C SER C 245 12.08 6.63 -31.78
N ASN C 246 12.53 5.51 -32.37
CA ASN C 246 12.10 5.16 -33.72
C ASN C 246 11.29 3.85 -33.61
N HIS C 247 10.69 3.60 -32.44
CA HIS C 247 9.86 2.42 -32.26
C HIS C 247 10.63 1.13 -32.51
N GLY C 248 11.92 1.16 -32.18
CA GLY C 248 12.72 -0.05 -32.31
C GLY C 248 12.92 -0.49 -33.74
N GLY C 249 12.80 0.43 -34.70
CA GLY C 249 12.95 0.01 -36.09
C GLY C 249 11.80 -0.85 -36.59
N ARG C 250 10.65 -0.74 -35.92
CA ARG C 250 9.45 -1.52 -36.26
C ARG C 250 8.43 -0.77 -37.10
N GLN C 251 8.68 0.54 -37.30
CA GLN C 251 7.71 1.42 -38.00
C GLN C 251 8.34 1.92 -39.27
N LEU C 252 8.63 3.20 -39.40
CA LEU C 252 9.31 3.65 -40.63
C LEU C 252 10.77 3.23 -40.54
N ASP C 253 11.24 2.45 -41.50
CA ASP C 253 12.64 2.03 -41.48
C ASP C 253 13.54 3.05 -42.22
N GLU C 254 14.85 2.96 -41.97
CA GLU C 254 15.86 3.79 -42.59
C GLU C 254 15.84 5.22 -42.07
N VAL C 255 15.31 5.37 -40.84
CA VAL C 255 15.39 6.63 -40.11
C VAL C 255 16.66 6.53 -39.25
N SER C 256 17.03 7.63 -38.62
CA SER C 256 18.19 7.62 -37.77
C SER C 256 18.06 6.75 -36.54
N ALA C 257 19.19 6.23 -36.09
CA ALA C 257 19.23 5.52 -34.82
C ALA C 257 18.73 6.51 -33.75
N SER C 258 18.04 6.02 -32.74
CA SER C 258 17.53 6.93 -31.73
C SER C 258 18.63 7.61 -30.92
N ILE C 259 19.77 6.95 -30.68
CA ILE C 259 20.83 7.62 -29.92
C ILE C 259 21.42 8.77 -30.75
N ASP C 260 21.33 8.69 -32.08
CA ASP C 260 21.82 9.81 -32.92
C ASP C 260 20.77 10.94 -32.99
N ALA C 261 19.50 10.59 -33.16
CA ALA C 261 18.44 11.61 -33.20
C ALA C 261 18.37 12.36 -31.88
N LEU C 262 18.76 11.71 -30.77
CA LEU C 262 18.74 12.35 -29.46
C LEU C 262 19.50 13.67 -29.46
N ARG C 263 20.63 13.73 -30.15
CA ARG C 263 21.43 14.97 -30.11
C ARG C 263 20.69 16.17 -30.62
N GLU C 264 20.03 16.08 -31.78
CA GLU C 264 19.34 17.28 -32.25
C GLU C 264 18.10 17.63 -31.44
N VAL C 265 17.45 16.62 -30.85
CA VAL C 265 16.28 16.88 -30.03
C VAL C 265 16.74 17.58 -28.75
N VAL C 266 17.81 17.08 -28.11
CA VAL C 266 18.31 17.74 -26.90
C VAL C 266 18.74 19.17 -27.21
N ALA C 267 19.39 19.39 -28.35
CA ALA C 267 19.85 20.75 -28.73
C ALA C 267 18.65 21.69 -28.93
N ALA C 268 17.56 21.19 -29.47
CA ALA C 268 16.36 22.03 -29.69
C ALA C 268 15.66 22.34 -28.39
N VAL C 269 15.57 21.37 -27.50
CA VAL C 269 14.84 21.54 -26.26
C VAL C 269 15.56 22.41 -25.24
N LYS C 270 16.88 22.33 -25.22
CA LYS C 270 17.67 23.17 -24.30
C LYS C 270 17.21 23.11 -22.86
N GLY C 271 16.90 21.90 -22.41
CA GLY C 271 16.47 21.70 -21.04
C GLY C 271 15.09 22.19 -20.63
N LYS C 272 14.27 22.67 -21.57
CA LYS C 272 12.93 23.16 -21.22
C LYS C 272 12.01 22.06 -20.68
N ILE C 273 12.08 20.87 -21.27
CA ILE C 273 11.29 19.75 -20.78
C ILE C 273 12.23 18.56 -20.81
N GLU C 274 11.90 17.53 -20.05
CA GLU C 274 12.73 16.32 -20.00
C GLU C 274 12.65 15.53 -21.33
N VAL C 275 13.82 15.04 -21.72
CA VAL C 275 13.97 14.25 -22.95
C VAL C 275 14.50 12.90 -22.52
N TYR C 276 13.83 11.86 -22.98
CA TYR C 276 14.20 10.47 -22.68
C TYR C 276 14.48 9.80 -24.03
N MET C 277 14.92 8.54 -24.00
CA MET C 277 15.07 7.83 -25.27
C MET C 277 14.91 6.34 -25.06
N ASP C 278 14.57 5.66 -26.16
CA ASP C 278 14.61 4.19 -26.17
C ASP C 278 15.18 3.77 -27.51
N GLY C 279 15.54 2.49 -27.63
CA GLY C 279 16.02 1.93 -28.88
C GLY C 279 17.46 1.49 -28.84
N GLY C 280 17.64 0.17 -28.65
CA GLY C 280 18.97 -0.40 -28.70
C GLY C 280 19.76 -0.36 -27.41
N VAL C 281 19.14 0.02 -26.29
CA VAL C 281 19.91 0.04 -25.04
C VAL C 281 20.05 -1.38 -24.54
N ARG C 282 21.29 -1.86 -24.41
CA ARG C 282 21.51 -3.25 -24.00
C ARG C 282 22.59 -3.40 -22.95
N THR C 283 23.46 -2.41 -22.80
CA THR C 283 24.53 -2.51 -21.82
C THR C 283 24.67 -1.21 -21.05
N GLY C 284 25.33 -1.25 -19.90
CA GLY C 284 25.48 -0.07 -19.08
C GLY C 284 26.04 1.14 -19.78
N THR C 285 27.04 0.96 -20.64
CA THR C 285 27.59 2.13 -21.30
C THR C 285 26.60 2.76 -22.27
N ASP C 286 25.61 1.99 -22.76
CA ASP C 286 24.59 2.59 -23.65
C ASP C 286 23.80 3.59 -22.79
N VAL C 287 23.45 3.19 -21.56
CA VAL C 287 22.73 4.08 -20.66
C VAL C 287 23.59 5.30 -20.37
N LEU C 288 24.88 5.07 -20.05
CA LEU C 288 25.79 6.15 -19.75
C LEU C 288 25.86 7.13 -20.92
N LYS C 289 25.95 6.61 -22.16
CA LYS C 289 26.04 7.50 -23.32
C LYS C 289 24.76 8.31 -23.52
N ALA C 290 23.59 7.71 -23.33
CA ALA C 290 22.34 8.46 -23.50
C ALA C 290 22.29 9.59 -22.47
N LEU C 291 22.68 9.30 -21.23
CA LEU C 291 22.67 10.35 -20.20
C LEU C 291 23.71 11.42 -20.54
N ALA C 292 24.87 11.03 -21.04
CA ALA C 292 25.89 12.01 -21.37
C ALA C 292 25.43 12.92 -22.48
N LEU C 293 24.63 12.39 -23.40
CA LEU C 293 24.14 13.19 -24.52
C LEU C 293 22.87 13.98 -24.20
N GLY C 294 22.42 13.89 -22.95
CA GLY C 294 21.32 14.75 -22.55
C GLY C 294 20.02 14.13 -22.20
N ALA C 295 19.86 12.82 -22.36
CA ALA C 295 18.62 12.17 -21.96
C ALA C 295 18.57 12.12 -20.43
N ARG C 296 17.36 12.22 -19.88
CA ARG C 296 17.16 12.14 -18.43
C ARG C 296 17.05 10.67 -18.00
N CYS C 297 16.64 9.80 -18.91
N CYS C 297 16.63 9.82 -18.94
CA CYS C 297 16.56 8.38 -18.63
CA CYS C 297 16.38 8.44 -18.64
C CYS C 297 16.31 7.66 -19.93
C CYS C 297 16.24 7.66 -19.95
N ILE C 298 16.50 6.34 -19.90
CA ILE C 298 16.27 5.51 -21.06
C ILE C 298 15.16 4.57 -20.71
N PHE C 299 14.50 4.07 -21.75
CA PHE C 299 13.46 3.07 -21.59
C PHE C 299 13.85 1.83 -22.40
N LEU C 300 13.44 0.67 -21.89
CA LEU C 300 13.71 -0.63 -22.50
C LEU C 300 12.44 -1.23 -23.10
N GLY C 301 12.55 -1.72 -24.33
CA GLY C 301 11.43 -2.36 -25.00
C GLY C 301 11.63 -3.88 -24.93
N ARG C 302 12.28 -4.43 -25.95
CA ARG C 302 12.51 -5.88 -26.03
C ARG C 302 13.16 -6.56 -24.83
N PRO C 303 14.16 -5.95 -24.18
CA PRO C 303 14.78 -6.68 -23.05
C PRO C 303 13.82 -7.10 -21.96
N ILE C 304 12.77 -6.32 -21.75
CA ILE C 304 11.77 -6.65 -20.73
C ILE C 304 11.03 -7.92 -21.15
N LEU C 305 10.68 -8.03 -22.43
CA LEU C 305 10.00 -9.22 -22.93
C LEU C 305 10.95 -10.41 -22.89
N TRP C 306 12.25 -10.21 -23.14
CA TRP C 306 13.18 -11.32 -23.03
C TRP C 306 13.22 -11.79 -21.58
N GLY C 307 13.22 -10.86 -20.63
CA GLY C 307 13.23 -11.24 -19.22
C GLY C 307 12.01 -12.07 -18.87
N LEU C 308 10.83 -11.63 -19.30
CA LEU C 308 9.60 -12.39 -19.03
C LEU C 308 9.68 -13.76 -19.65
N ALA C 309 10.13 -13.84 -20.89
CA ALA C 309 10.14 -15.13 -21.57
C ALA C 309 11.05 -16.13 -20.89
N CYS C 310 12.14 -15.63 -20.29
CA CYS C 310 13.07 -16.54 -19.64
C CYS C 310 12.66 -16.96 -18.24
N LYS C 311 12.19 -16.01 -17.44
CA LYS C 311 11.89 -16.31 -16.04
C LYS C 311 10.75 -15.53 -15.43
N GLY C 312 9.83 -15.01 -16.23
CA GLY C 312 8.72 -14.27 -15.63
C GLY C 312 9.13 -13.03 -14.86
N GLU C 313 8.50 -12.77 -13.71
CA GLU C 313 8.81 -11.60 -12.91
C GLU C 313 10.29 -11.53 -12.56
N ASP C 314 10.85 -12.67 -12.16
CA ASP C 314 12.26 -12.68 -11.76
C ASP C 314 13.15 -12.32 -12.94
N GLY C 315 12.72 -12.68 -14.15
CA GLY C 315 13.49 -12.35 -15.37
C GLY C 315 13.52 -10.84 -15.61
N VAL C 316 12.37 -10.19 -15.47
CA VAL C 316 12.32 -8.75 -15.65
C VAL C 316 13.17 -8.09 -14.57
N LYS C 317 13.05 -8.55 -13.32
CA LYS C 317 13.84 -7.98 -12.27
C LYS C 317 15.33 -8.14 -12.51
N GLU C 318 15.72 -9.30 -13.01
CA GLU C 318 17.15 -9.55 -13.28
C GLU C 318 17.64 -8.65 -14.41
N VAL C 319 16.82 -8.44 -15.45
CA VAL C 319 17.25 -7.56 -16.55
C VAL C 319 17.46 -6.15 -16.01
N LEU C 320 16.52 -5.67 -15.18
CA LEU C 320 16.68 -4.34 -14.61
C LEU C 320 17.88 -4.25 -13.67
N ASP C 321 18.08 -5.29 -12.84
CA ASP C 321 19.21 -5.28 -11.91
C ASP C 321 20.55 -5.37 -12.64
N ILE C 322 20.62 -6.20 -13.68
CA ILE C 322 21.87 -6.34 -14.44
C ILE C 322 22.22 -5.02 -15.12
N LEU C 323 21.24 -4.40 -15.80
CA LEU C 323 21.59 -3.16 -16.45
C LEU C 323 21.95 -2.07 -15.45
N THR C 324 21.30 -2.06 -14.29
CA THR C 324 21.63 -1.08 -13.27
C THR C 324 23.07 -1.33 -12.76
N ALA C 325 23.43 -2.59 -12.55
CA ALA C 325 24.77 -2.93 -12.08
C ALA C 325 25.80 -2.54 -13.16
N GLU C 326 25.46 -2.73 -14.44
CA GLU C 326 26.42 -2.33 -15.48
C GLU C 326 26.57 -0.79 -15.49
N LEU C 327 25.47 -0.05 -15.30
CA LEU C 327 25.57 1.40 -15.25
C LEU C 327 26.45 1.81 -14.05
N HIS C 328 26.21 1.18 -12.88
CA HIS C 328 27.01 1.49 -11.70
C HIS C 328 28.50 1.26 -11.98
N ARG C 329 28.79 0.15 -12.64
CA ARG C 329 30.16 -0.22 -12.96
C ARG C 329 30.80 0.77 -13.94
N CYS C 330 30.13 1.12 -15.04
CA CYS C 330 30.78 2.07 -15.95
C CYS C 330 30.84 3.50 -15.40
N MET C 331 29.90 3.87 -14.52
CA MET C 331 30.02 5.17 -13.84
C MET C 331 31.28 5.15 -12.96
N THR C 332 31.49 4.05 -12.25
CA THR C 332 32.65 3.91 -11.38
C THR C 332 33.93 3.99 -12.21
N LEU C 333 34.00 3.23 -13.30
CA LEU C 333 35.21 3.23 -14.13
C LEU C 333 35.45 4.54 -14.81
N SER C 334 34.38 5.20 -15.27
CA SER C 334 34.55 6.45 -16.01
C SER C 334 34.72 7.70 -15.15
N GLY C 335 34.49 7.55 -13.86
CA GLY C 335 34.68 8.68 -12.95
C GLY C 335 33.47 9.56 -12.66
N CYS C 336 32.28 9.01 -12.79
CA CYS C 336 31.02 9.76 -12.54
C CYS C 336 30.40 9.27 -11.26
N GLN C 337 30.41 10.11 -10.23
CA GLN C 337 29.88 9.70 -8.94
C GLN C 337 28.36 9.65 -8.85
N SER C 338 27.70 10.45 -9.66
CA SER C 338 26.25 10.50 -9.66
C SER C 338 25.80 10.79 -11.08
N VAL C 339 24.51 10.65 -11.32
CA VAL C 339 23.96 10.89 -12.64
C VAL C 339 24.19 12.33 -13.08
N ALA C 340 24.16 13.26 -12.12
CA ALA C 340 24.40 14.66 -12.45
C ALA C 340 25.81 14.92 -12.98
N GLU C 341 26.76 14.02 -12.70
CA GLU C 341 28.13 14.19 -13.18
C GLU C 341 28.36 13.59 -14.58
N ILE C 342 27.35 12.93 -15.14
CA ILE C 342 27.50 12.35 -16.49
C ILE C 342 27.22 13.45 -17.51
N SER C 343 28.22 13.79 -18.31
CA SER C 343 28.10 14.94 -19.21
C SER C 343 28.75 14.67 -20.54
N PRO C 344 28.62 15.61 -21.48
CA PRO C 344 29.22 15.38 -22.78
C PRO C 344 30.71 15.29 -22.77
N ASP C 345 31.38 15.68 -21.68
CA ASP C 345 32.84 15.54 -21.64
C ASP C 345 33.24 14.06 -21.79
N LEU C 346 32.32 13.13 -21.46
CA LEU C 346 32.59 11.69 -21.62
C LEU C 346 32.61 11.22 -23.06
N ILE C 347 32.04 12.01 -23.97
CA ILE C 347 31.89 11.60 -25.35
C ILE C 347 32.95 12.16 -26.26
N GLN C 348 33.61 11.32 -27.05
CA GLN C 348 34.65 11.80 -27.97
C GLN C 348 34.08 12.65 -29.10
N PHE C 349 34.71 13.80 -29.30
CA PHE C 349 34.32 14.78 -30.31
C PHE C 349 32.87 14.57 -30.64
N SER C 350 32.04 15.33 -29.95
CA SER C 350 30.59 15.24 -30.08
C SER C 350 30.19 15.74 -28.73
N ARG C 351 31.05 15.39 -27.79
CA ARG C 351 30.86 15.75 -26.41
C ARG C 351 30.63 17.23 -26.28
N1 FMN D . 11.47 40.28 11.40
C2 FMN D . 10.36 39.92 10.70
O2 FMN D . 10.08 38.77 10.52
N3 FMN D . 9.61 41.02 10.20
C4 FMN D . 9.88 42.36 10.35
O4 FMN D . 9.11 43.17 9.83
C4A FMN D . 11.05 42.61 11.08
N5 FMN D . 11.39 43.95 11.22
C5A FMN D . 12.62 44.24 11.82
C6 FMN D . 13.01 45.57 11.89
C7 FMN D . 14.27 45.89 12.39
C7M FMN D . 14.69 47.35 12.40
C8 FMN D . 15.13 44.87 12.86
C8M FMN D . 16.51 45.17 13.36
C9 FMN D . 14.74 43.53 12.84
C9A FMN D . 13.48 43.19 12.33
N10 FMN D . 13.05 41.83 12.22
C10 FMN D . 11.87 41.55 11.59
C1' FMN D . 13.85 40.74 12.68
C2' FMN D . 14.97 40.39 11.60
O2' FMN D . 14.33 39.67 10.52
C3' FMN D . 16.08 39.49 12.10
O3' FMN D . 15.42 38.27 12.67
C4' FMN D . 16.87 40.03 13.19
O4' FMN D . 17.26 41.41 12.95
C5' FMN D . 18.11 39.19 13.58
O5' FMN D . 19.18 39.32 12.56
P FMN D . 20.42 40.32 12.81
O1P FMN D . 21.16 39.85 14.03
O2P FMN D . 19.91 41.73 13.01
O3P FMN D . 21.20 40.13 11.58
C1 HO6 E . 3.90 47.82 13.44
N1 HO6 E . 9.01 42.82 13.73
O1 HO6 E . 11.31 43.58 15.01
S1 HO6 E . 8.32 46.76 14.07
C2 HO6 E . 4.38 47.73 14.76
N2 HO6 E . 7.77 42.70 13.18
O2 HO6 E . 10.82 45.69 14.83
S2 HO6 E . 6.99 44.18 13.04
C3 HO6 E . 5.75 47.40 14.96
C4 HO6 E . 6.60 47.17 13.85
C5 HO6 E . 6.08 47.27 12.55
C6 HO6 E . 4.73 47.61 12.34
C7 HO6 E . 8.40 45.02 13.49
C8 HO6 E . 9.33 44.21 13.97
C9 HO6 E . 10.57 44.51 14.65
CL HO6 E . 2.27 48.20 13.12
N1 FMN F . -31.10 -37.84 9.20
C2 FMN F . -30.37 -38.48 8.24
O2 FMN F . -30.34 -39.67 8.18
N3 FMN F . -29.67 -37.60 7.35
C4 FMN F . -29.66 -36.20 7.39
O4 FMN F . -28.98 -35.60 6.56
C4A FMN F . -30.43 -35.68 8.45
N5 FMN F . -30.41 -34.29 8.57
C5A FMN F . -31.08 -33.73 9.67
C6 FMN F . -31.00 -32.32 9.84
C7 FMN F . -31.59 -31.74 10.96
C7M FMN F . -31.45 -30.21 11.11
C8 FMN F . -32.26 -32.54 11.90
C8M FMN F . -32.88 -31.98 13.12
C9 FMN F . -32.38 -33.92 11.73
C9A FMN F . -31.78 -34.54 10.62
N10 FMN F . -31.83 -35.95 10.44
C10 FMN F . -31.14 -36.50 9.37
C1' FMN F . -32.50 -36.82 11.34
C2' FMN F . -31.56 -37.12 12.58
O2' FMN F . -30.54 -38.06 12.17
C3' FMN F . -32.25 -37.72 13.77
O3' FMN F . -32.96 -38.93 13.30
C4' FMN F . -33.30 -36.88 14.36
O4' FMN F . -32.83 -35.52 14.56
C5' FMN F . -33.97 -37.39 15.65
O5' FMN F . -33.08 -37.16 16.79
P FMN F . -33.25 -35.94 17.85
O1P FMN F . -34.51 -36.11 18.57
O2P FMN F . -33.17 -34.64 17.07
O3P FMN F . -32.12 -36.15 18.74
C1 HO6 G . -31.57 -31.25 0.36
N1 HO6 G . -32.99 -35.32 6.20
O1 HO6 G . -34.26 -34.04 8.18
S1 HO6 G . -32.62 -31.59 4.82
C2 HO6 G . -32.88 -30.95 0.80
N2 HO6 G . -32.36 -35.73 5.05
O2 HO6 G . -33.65 -32.08 7.42
S2 HO6 G . -31.84 -34.45 4.07
C3 HO6 G . -33.19 -31.07 2.18
C4 HO6 G . -32.21 -31.47 3.10
C5 HO6 G . -30.89 -31.76 2.64
C6 HO6 G . -30.58 -31.65 1.27
C7 HO6 G . -32.29 -33.34 5.27
C8 HO6 G . -32.98 -33.90 6.26
C9 HO6 G . -33.68 -33.31 7.35
CL HO6 G . -31.16 -31.14 -1.28
N1 FMN H . 5.56 1.02 -28.56
C2 FMN H . 4.45 1.73 -28.14
O2 FMN H . 4.49 2.91 -28.00
N3 FMN H . 3.31 0.89 -27.86
C4 FMN H . 3.22 -0.51 -28.00
O4 FMN H . 2.13 -1.06 -27.69
C4A FMN H . 4.43 -1.09 -28.42
N5 FMN H . 4.39 -2.49 -28.51
C5A FMN H . 5.60 -3.11 -28.81
C6 FMN H . 5.60 -4.52 -28.82
C7 FMN H . 6.78 -5.19 -29.02
C7M FMN H . 6.75 -6.72 -28.98
C8 FMN H . 7.98 -4.46 -29.23
C8M FMN H . 9.31 -5.14 -29.42
C9 FMN H . 8.00 -3.07 -29.27
C9A FMN H . 6.81 -2.36 -29.06
N10 FMN H . 6.78 -0.94 -29.03
C10 FMN H . 5.61 -0.31 -28.70
C1' FMN H . 7.94 -0.14 -29.25
C2' FMN H . 8.79 -0.07 -27.89
O2' FMN H . 8.11 0.83 -26.98
C3' FMN H . 10.18 0.47 -28.06
O3' FMN H . 10.06 1.79 -28.74
C4' FMN H . 11.04 -0.32 -28.92
O4' FMN H . 10.92 -1.73 -28.64
C5' FMN H . 12.52 0.09 -28.98
O5' FMN H . 13.22 -0.27 -27.70
P FMN H . 14.15 -1.60 -27.65
O1P FMN H . 15.27 -1.41 -28.64
O2P FMN H . 13.32 -2.81 -28.00
O3P FMN H . 14.65 -1.60 -26.26
C1 HO6 I . -3.17 -4.17 -32.68
N1 HO6 I . 3.08 -0.79 -31.52
O1 HO6 I . 5.27 -2.19 -32.18
S1 HO6 I . 1.36 -4.35 -32.11
C2 HO6 I . -2.36 -4.22 -33.82
N2 HO6 I . 1.82 -0.28 -31.31
O2 HO6 I . 4.19 -4.10 -32.20
S2 HO6 I . 0.63 -1.46 -31.39
C3 HO6 I . -0.95 -4.28 -33.65
C4 HO6 I . -0.40 -4.28 -32.34
C5 HO6 I . -1.26 -4.23 -31.22
C6 HO6 I . -2.66 -4.18 -31.40
C7 HO6 I . 1.80 -2.68 -31.50
C8 HO6 I . 3.01 -2.20 -31.70
C9 HO6 I . 4.25 -2.87 -32.05
CL HO6 I . -4.87 -4.09 -32.84
#